data_8EWT
#
_entry.id   8EWT
#
_cell.length_a   108.440
_cell.length_b   108.440
_cell.length_c   161.518
_cell.angle_alpha   90.000
_cell.angle_beta   90.000
_cell.angle_gamma   90.000
#
_symmetry.space_group_name_H-M   'P 43 21 2'
#
loop_
_entity.id
_entity.type
_entity.pdbx_description
1 polymer 'Conjugated bile salt hydrolase'
2 non-polymer '(5R)-5-{(1R,3aS,3bR,5aR,7R,9aS,9bS,11aR)-9a,11a-dimethyl-7-[(prop-2-yn-1-yl)oxy]hexadecahydro-1H-cyclopenta[a]phenanthren-1-yl}-1-fluorohexan-2-one (non-preferred name)'
3 non-polymer 'SODIUM ION'
4 water water
#
_entity_poly.entity_id   1
_entity_poly.type   'polypeptide(L)'
_entity_poly.pdbx_seq_one_letter_code
;MCTGLRFTDDQGNLYFGRNLDVGQDYGEGVIITPRNYPLPYKFLDNTTTKKAVIGMGIVVDGYPSYFDCFNEDGLGIAGL
NFPHFAKFSDGPIDGKINLASYEIMLWVTQNFTKVSDVKEALKNVNLVNEAINSSFAVAPLHWIISDKDEAIIVEVSKQY
GMKVFDDKLGVLTNSPDFNWHLTNLGNYTGLDPHDATAQSWNGQKVAPWGVGTGSLGLPGDSIPADRFVKAAYLNVNYPT
VKGEKANVAKFFNILKSVAMIKGSVVNKLGSDEYTVYTACYSAATKTYYCNFENDFELKTYKLDDETMNADKLITYHHHH
HH
;
_entity_poly.pdbx_strand_id   A,B
#
loop_
_chem_comp.id
_chem_comp.type
_chem_comp.name
_chem_comp.formula
NA non-polymer 'SODIUM ION' 'Na 1'
X3I non-polymer '(5R)-5-{(1R,3aS,3bR,5aR,7R,9aS,9bS,11aR)-9a,11a-dimethyl-7-[(prop-2-yn-1-yl)oxy]hexadecahydro-1H-cyclopenta[a]phenanthren-1-yl}-1-fluorohexan-2-one (non-preferred name)' 'C28 H43 F O2'
#
# COMPACT_ATOMS: atom_id res chain seq x y z
N CYS A 2 -1.50 -4.64 -13.54
CA CYS A 2 -0.76 -3.38 -13.58
C CYS A 2 -1.69 -2.20 -13.44
N THR A 3 -1.20 -1.16 -12.78
CA THR A 3 -1.93 0.09 -12.63
C THR A 3 -0.95 1.22 -12.92
N GLY A 4 -1.30 2.06 -13.89
CA GLY A 4 -0.55 3.26 -14.17
C GLY A 4 -1.20 4.46 -13.53
N LEU A 5 -0.39 5.45 -13.17
CA LEU A 5 -0.87 6.58 -12.38
C LEU A 5 -0.05 7.82 -12.70
N ARG A 6 -0.73 8.96 -12.83
CA ARG A 6 -0.05 10.24 -12.95
C ARG A 6 -0.88 11.34 -12.29
N PHE A 7 -0.16 12.33 -11.75
CA PHE A 7 -0.75 13.57 -11.27
C PHE A 7 0.38 14.59 -11.21
N THR A 8 0.04 15.83 -10.89
CA THR A 8 1.03 16.88 -10.72
C THR A 8 0.88 17.49 -9.34
N ASP A 9 1.88 18.26 -8.92
CA ASP A 9 1.79 19.05 -7.69
C ASP A 9 1.19 20.42 -8.03
N ASP A 10 1.29 21.36 -7.09
CA ASP A 10 0.73 22.69 -7.29
C ASP A 10 1.50 23.53 -8.31
N GLN A 11 2.71 23.13 -8.68
CA GLN A 11 3.51 23.87 -9.64
C GLN A 11 3.55 23.20 -11.01
N GLY A 12 2.72 22.19 -11.25
CA GLY A 12 2.80 21.50 -12.51
C GLY A 12 3.97 20.56 -12.65
N ASN A 13 4.53 20.09 -11.54
CA ASN A 13 5.55 19.04 -11.60
C ASN A 13 4.88 17.67 -11.66
N LEU A 14 5.28 16.87 -12.65
CA LEU A 14 4.63 15.60 -12.95
C LEU A 14 5.20 14.48 -12.09
N TYR A 15 4.31 13.58 -11.64
CA TYR A 15 4.65 12.35 -10.93
C TYR A 15 3.90 11.22 -11.64
N PHE A 16 4.64 10.27 -12.22
CA PHE A 16 4.07 9.37 -13.23
C PHE A 16 4.79 8.03 -13.14
N GLY A 17 4.03 6.93 -13.05
CA GLY A 17 4.66 5.64 -12.84
C GLY A 17 3.65 4.50 -12.87
N ARG A 18 4.03 3.35 -12.32
CA ARG A 18 3.16 2.18 -12.46
C ARG A 18 3.54 1.09 -11.47
N ASN A 19 2.56 0.22 -11.20
CA ASN A 19 2.78 -1.09 -10.63
C ASN A 19 2.97 -2.10 -11.76
N LEU A 20 3.90 -3.05 -11.58
CA LEU A 20 4.05 -4.21 -12.46
C LEU A 20 3.53 -5.45 -11.74
N ASP A 21 2.37 -5.95 -12.18
CA ASP A 21 1.73 -7.13 -11.59
C ASP A 21 1.85 -8.29 -12.58
N VAL A 22 2.76 -9.24 -12.31
CA VAL A 22 3.04 -10.33 -13.24
C VAL A 22 3.08 -11.66 -12.50
N GLY A 23 3.15 -12.74 -13.26
CA GLY A 23 3.19 -14.08 -12.70
C GLY A 23 4.42 -14.87 -13.08
N GLN A 24 5.49 -14.18 -13.47
CA GLN A 24 6.76 -14.80 -13.84
C GLN A 24 7.83 -13.72 -13.85
N ASP A 25 9.09 -14.17 -13.87
CA ASP A 25 10.24 -13.28 -13.88
C ASP A 25 10.64 -12.97 -15.32
N TYR A 26 10.99 -11.70 -15.57
CA TYR A 26 11.40 -11.26 -16.90
C TYR A 26 12.84 -10.76 -16.96
N GLY A 27 13.56 -10.74 -15.84
CA GLY A 27 14.93 -10.28 -15.88
C GLY A 27 15.12 -8.79 -15.91
N GLU A 28 14.06 -8.01 -15.72
CA GLU A 28 14.10 -6.56 -15.88
C GLU A 28 14.99 -5.88 -14.84
N GLY A 29 15.41 -4.67 -15.18
CA GLY A 29 16.11 -3.79 -14.26
C GLY A 29 16.06 -2.39 -14.82
N VAL A 30 16.60 -1.44 -14.06
CA VAL A 30 16.59 -0.05 -14.47
C VAL A 30 17.68 0.19 -15.52
N ILE A 31 17.31 0.93 -16.58
CA ILE A 31 18.17 1.20 -17.71
C ILE A 31 18.13 2.69 -18.00
N ILE A 32 19.29 3.34 -17.98
CA ILE A 32 19.43 4.68 -18.54
C ILE A 32 20.00 4.54 -19.95
N THR A 33 19.27 5.08 -20.92
CA THR A 33 19.76 5.18 -22.29
C THR A 33 20.26 6.60 -22.50
N PRO A 34 21.55 6.80 -22.80
CA PRO A 34 22.07 8.17 -22.92
C PRO A 34 21.70 8.78 -24.27
N ARG A 35 21.94 10.08 -24.38
CA ARG A 35 21.89 10.74 -25.68
C ARG A 35 22.87 10.08 -26.64
N ASN A 36 22.55 10.18 -27.94
CA ASN A 36 23.44 9.75 -29.02
C ASN A 36 23.69 8.24 -29.04
N TYR A 37 22.77 7.45 -28.48
CA TYR A 37 22.87 6.00 -28.51
C TYR A 37 22.21 5.45 -29.79
N PRO A 38 22.78 4.40 -30.39
CA PRO A 38 22.24 3.88 -31.67
C PRO A 38 20.81 3.40 -31.51
N LEU A 39 19.96 3.80 -32.48
CA LEU A 39 18.52 3.54 -32.42
C LEU A 39 18.03 2.98 -33.75
N PRO A 40 18.00 1.67 -33.91
CA PRO A 40 17.45 1.08 -35.14
C PRO A 40 15.94 1.04 -35.15
N TYR A 41 15.37 1.02 -36.35
CA TYR A 41 13.93 0.86 -36.56
C TYR A 41 13.70 -0.22 -37.61
N LYS A 42 12.69 -1.06 -37.40
CA LYS A 42 12.38 -2.09 -38.38
C LYS A 42 11.96 -1.49 -39.71
N PHE A 43 11.15 -0.43 -39.70
CA PHE A 43 10.52 0.09 -40.91
C PHE A 43 10.82 1.57 -41.14
N LEU A 44 11.79 2.13 -40.44
CA LEU A 44 12.19 3.50 -40.64
C LEU A 44 13.71 3.59 -40.69
N ASP A 45 14.20 4.75 -41.10
CA ASP A 45 15.64 4.96 -41.12
C ASP A 45 16.21 4.86 -39.72
N ASN A 46 17.24 4.02 -39.56
CA ASN A 46 17.92 3.91 -38.28
C ASN A 46 18.57 5.25 -37.90
N THR A 47 18.70 5.50 -36.61
CA THR A 47 19.14 6.83 -36.17
C THR A 47 19.84 6.70 -34.81
N THR A 48 19.93 7.80 -34.07
CA THR A 48 20.43 7.77 -32.71
C THR A 48 19.47 8.52 -31.80
N THR A 49 19.45 8.14 -30.52
CA THR A 49 18.64 8.86 -29.55
C THR A 49 19.10 10.30 -29.43
N LYS A 50 18.14 11.21 -29.26
CA LYS A 50 18.44 12.62 -29.02
C LYS A 50 18.10 13.07 -27.61
N LYS A 51 17.30 12.31 -26.87
CA LYS A 51 17.05 12.60 -25.47
C LYS A 51 17.44 11.37 -24.65
N ALA A 52 17.92 11.62 -23.44
CA ALA A 52 18.16 10.51 -22.53
C ALA A 52 16.83 10.03 -21.95
N VAL A 53 16.74 8.73 -21.67
CA VAL A 53 15.55 8.17 -21.06
C VAL A 53 15.97 7.21 -19.96
N ILE A 54 15.04 7.02 -19.01
CA ILE A 54 15.24 6.14 -17.86
C ILE A 54 13.98 5.33 -17.67
N GLY A 55 14.12 4.12 -17.14
CA GLY A 55 12.96 3.31 -16.87
C GLY A 55 13.37 1.86 -16.65
N MET A 56 12.34 1.02 -16.55
CA MET A 56 12.51 -0.41 -16.30
C MET A 56 12.38 -1.19 -17.60
N GLY A 57 13.22 -2.20 -17.76
CA GLY A 57 13.17 -2.99 -18.98
C GLY A 57 14.29 -4.01 -19.03
N ILE A 58 14.45 -4.60 -20.21
CA ILE A 58 15.54 -5.51 -20.50
C ILE A 58 16.29 -4.99 -21.72
N VAL A 59 17.53 -5.48 -21.88
CA VAL A 59 18.35 -5.17 -23.05
C VAL A 59 18.40 -6.41 -23.93
N VAL A 60 17.96 -6.27 -25.18
CA VAL A 60 17.98 -7.36 -26.15
C VAL A 60 18.91 -6.94 -27.30
N ASP A 61 20.09 -7.56 -27.36
CA ASP A 61 21.08 -7.28 -28.39
C ASP A 61 21.37 -5.78 -28.52
N GLY A 62 21.60 -5.13 -27.36
CA GLY A 62 21.94 -3.72 -27.33
C GLY A 62 20.78 -2.76 -27.40
N TYR A 63 19.55 -3.26 -27.60
CA TYR A 63 18.36 -2.43 -27.72
C TYR A 63 17.62 -2.41 -26.38
N PRO A 64 17.48 -1.26 -25.74
CA PRO A 64 16.78 -1.21 -24.45
C PRO A 64 15.28 -1.30 -24.68
N SER A 65 14.68 -2.41 -24.22
CA SER A 65 13.25 -2.69 -24.38
C SER A 65 12.54 -2.36 -23.07
N TYR A 66 11.87 -1.22 -23.04
CA TYR A 66 11.36 -0.67 -21.80
C TYR A 66 9.96 -1.18 -21.49
N PHE A 67 9.71 -1.45 -20.19
CA PHE A 67 8.36 -1.63 -19.66
C PHE A 67 7.69 -0.27 -19.44
N ASP A 68 8.48 0.71 -19.02
CA ASP A 68 8.06 2.10 -18.88
C ASP A 68 9.30 2.94 -19.07
N CYS A 69 9.15 4.13 -19.63
CA CYS A 69 10.32 5.00 -19.69
C CYS A 69 9.93 6.45 -19.89
N PHE A 70 10.85 7.32 -19.48
CA PHE A 70 10.59 8.72 -19.24
C PHE A 70 11.79 9.50 -19.76
N ASN A 71 11.54 10.54 -20.56
CA ASN A 71 12.66 11.27 -21.13
C ASN A 71 12.98 12.50 -20.29
N GLU A 72 14.17 13.06 -20.54
CA GLU A 72 14.68 14.15 -19.74
C GLU A 72 13.80 15.39 -19.81
N ASP A 73 12.94 15.47 -20.81
CA ASP A 73 12.04 16.62 -20.98
C ASP A 73 10.71 16.43 -20.27
N GLY A 74 10.55 15.33 -19.52
CA GLY A 74 9.39 15.17 -18.66
C GLY A 74 8.19 14.53 -19.33
N LEU A 75 8.39 13.78 -20.40
CA LEU A 75 7.32 13.00 -21.02
C LEU A 75 7.67 11.52 -20.91
N GLY A 76 6.67 10.70 -20.56
CA GLY A 76 6.92 9.29 -20.35
C GLY A 76 5.80 8.45 -20.91
N ILE A 77 6.00 7.14 -20.86
CA ILE A 77 5.07 6.18 -21.43
C ILE A 77 5.22 4.88 -20.68
N ALA A 78 4.12 4.15 -20.51
CA ALA A 78 4.15 2.85 -19.87
C ALA A 78 3.29 1.88 -20.67
N GLY A 79 3.82 0.67 -20.85
CA GLY A 79 3.09 -0.40 -21.50
C GLY A 79 2.44 -1.33 -20.47
N LEU A 80 1.15 -1.59 -20.68
CA LEU A 80 0.38 -2.46 -19.80
C LEU A 80 -0.38 -3.49 -20.65
N ASN A 81 -0.64 -4.64 -20.05
CA ASN A 81 -1.31 -5.73 -20.76
C ASN A 81 -2.74 -5.37 -21.16
N PHE A 82 -3.11 -5.77 -22.38
CA PHE A 82 -4.43 -5.51 -22.95
C PHE A 82 -4.94 -6.78 -23.62
N PRO A 83 -4.99 -7.92 -22.93
CA PRO A 83 -5.32 -9.18 -23.59
C PRO A 83 -6.77 -9.23 -24.05
N HIS A 84 -7.00 -10.10 -25.04
CA HIS A 84 -8.27 -10.34 -25.72
C HIS A 84 -8.73 -9.13 -26.51
N PHE A 85 -7.91 -8.07 -26.59
CA PHE A 85 -8.22 -6.90 -27.40
C PHE A 85 -7.07 -6.54 -28.35
N ALA A 86 -5.86 -6.40 -27.82
CA ALA A 86 -4.78 -5.79 -28.59
C ALA A 86 -4.48 -6.59 -29.85
N LYS A 87 -4.39 -5.88 -30.98
CA LYS A 87 -4.10 -6.49 -32.27
C LYS A 87 -3.46 -5.43 -33.15
N PHE A 88 -2.36 -5.78 -33.81
CA PHE A 88 -1.65 -4.86 -34.68
C PHE A 88 -1.61 -5.40 -36.12
N SER A 89 -1.08 -4.59 -37.03
CA SER A 89 -1.13 -4.88 -38.46
C SER A 89 -0.31 -6.12 -38.80
N ASP A 90 -0.71 -6.79 -39.89
CA ASP A 90 0.07 -7.92 -40.38
C ASP A 90 1.43 -7.48 -40.91
N GLY A 91 1.50 -6.32 -41.54
CA GLY A 91 2.76 -5.79 -42.01
C GLY A 91 2.69 -4.28 -42.13
N PRO A 92 3.75 -3.66 -42.65
CA PRO A 92 3.75 -2.20 -42.76
C PRO A 92 2.78 -1.73 -43.84
N ILE A 93 2.46 -0.43 -43.78
CA ILE A 93 1.50 0.18 -44.68
C ILE A 93 2.16 1.38 -45.35
N ASP A 94 2.14 1.42 -46.68
CA ASP A 94 2.79 2.49 -47.42
C ASP A 94 2.16 3.82 -47.05
N GLY A 95 3.00 4.81 -46.77
CA GLY A 95 2.54 6.14 -46.43
C GLY A 95 2.39 6.41 -44.94
N LYS A 96 2.30 5.38 -44.11
CA LYS A 96 2.20 5.57 -42.68
C LYS A 96 3.57 5.48 -42.03
N ILE A 97 3.69 6.08 -40.84
CA ILE A 97 4.83 5.83 -39.96
C ILE A 97 4.63 4.45 -39.34
N ASN A 98 5.42 3.48 -39.78
CA ASN A 98 5.23 2.09 -39.39
C ASN A 98 6.18 1.73 -38.25
N LEU A 99 5.61 1.20 -37.16
CA LEU A 99 6.38 0.79 -35.99
C LEU A 99 5.93 -0.60 -35.58
N ALA A 100 6.90 -1.51 -35.37
CA ALA A 100 6.61 -2.67 -34.55
C ALA A 100 6.21 -2.19 -33.17
N SER A 101 5.21 -2.86 -32.56
CA SER A 101 4.59 -2.26 -31.38
C SER A 101 5.59 -2.04 -30.25
N TYR A 102 6.65 -2.87 -30.17
CA TYR A 102 7.65 -2.65 -29.12
C TYR A 102 8.44 -1.36 -29.33
N GLU A 103 8.51 -0.86 -30.56
CA GLU A 103 9.27 0.35 -30.85
C GLU A 103 8.56 1.62 -30.40
N ILE A 104 7.30 1.53 -29.93
CA ILE A 104 6.58 2.74 -29.61
C ILE A 104 7.18 3.44 -28.40
N MET A 105 7.78 2.69 -27.47
CA MET A 105 8.31 3.31 -26.26
C MET A 105 9.39 4.33 -26.60
N LEU A 106 10.33 3.93 -27.45
CA LEU A 106 11.41 4.86 -27.79
C LEU A 106 10.96 5.88 -28.82
N TRP A 107 10.08 5.49 -29.74
CA TRP A 107 9.60 6.46 -30.73
C TRP A 107 8.93 7.65 -30.05
N VAL A 108 8.18 7.39 -28.98
CA VAL A 108 7.51 8.48 -28.27
C VAL A 108 8.50 9.28 -27.44
N THR A 109 9.36 8.60 -26.66
CA THR A 109 10.23 9.34 -25.75
C THR A 109 11.35 10.07 -26.49
N GLN A 110 11.67 9.65 -27.71
CA GLN A 110 12.74 10.31 -28.44
C GLN A 110 12.27 11.51 -29.25
N ASN A 111 11.01 11.54 -29.67
CA ASN A 111 10.60 12.52 -30.67
C ASN A 111 9.66 13.59 -30.14
N PHE A 112 9.28 13.55 -28.86
CA PHE A 112 8.26 14.47 -28.38
C PHE A 112 8.53 14.97 -26.98
N THR A 113 8.02 16.17 -26.69
CA THR A 113 7.95 16.69 -25.33
C THR A 113 6.53 17.05 -24.91
N LYS A 114 5.59 17.11 -25.84
CA LYS A 114 4.21 17.46 -25.57
C LYS A 114 3.29 16.36 -26.04
N VAL A 115 2.36 15.94 -25.17
CA VAL A 115 1.36 14.95 -25.56
C VAL A 115 0.48 15.46 -26.70
N SER A 116 0.30 16.78 -26.79
CA SER A 116 -0.45 17.34 -27.91
C SER A 116 0.19 16.99 -29.25
N ASP A 117 1.53 17.07 -29.34
CA ASP A 117 2.22 16.67 -30.56
C ASP A 117 2.18 15.17 -30.78
N VAL A 118 2.27 14.38 -29.71
CA VAL A 118 2.14 12.93 -29.86
C VAL A 118 0.79 12.58 -30.47
N LYS A 119 -0.27 13.26 -30.01
CA LYS A 119 -1.61 12.99 -30.51
C LYS A 119 -1.70 13.23 -32.01
N GLU A 120 -1.11 14.34 -32.49
CA GLU A 120 -1.21 14.66 -33.91
C GLU A 120 -0.45 13.66 -34.75
N ALA A 121 0.78 13.30 -34.33
CA ALA A 121 1.58 12.34 -35.09
C ALA A 121 0.91 10.98 -35.16
N LEU A 122 0.19 10.57 -34.11
CA LEU A 122 -0.41 9.24 -34.08
C LEU A 122 -1.43 9.04 -35.19
N LYS A 123 -1.99 10.12 -35.75
CA LYS A 123 -2.95 9.99 -36.85
C LYS A 123 -2.33 9.34 -38.08
N ASN A 124 -1.00 9.34 -38.20
CA ASN A 124 -0.33 8.73 -39.34
C ASN A 124 0.57 7.57 -38.93
N VAL A 125 0.36 7.01 -37.73
CA VAL A 125 1.18 5.90 -37.23
C VAL A 125 0.44 4.61 -37.48
N ASN A 126 1.17 3.56 -37.84
CA ASN A 126 0.65 2.22 -37.94
C ASN A 126 1.49 1.29 -37.09
N LEU A 127 0.86 0.55 -36.17
CA LEU A 127 1.58 -0.40 -35.33
C LEU A 127 1.56 -1.78 -35.98
N VAL A 128 2.71 -2.45 -36.01
CA VAL A 128 2.87 -3.69 -36.77
C VAL A 128 3.05 -4.85 -35.80
N ASN A 129 2.36 -5.95 -36.08
CA ASN A 129 2.54 -7.20 -35.33
C ASN A 129 3.87 -7.83 -35.72
N GLU A 130 4.97 -7.32 -35.15
CA GLU A 130 6.30 -7.85 -35.39
C GLU A 130 7.09 -7.84 -34.10
N ALA A 131 7.69 -8.98 -33.77
CA ALA A 131 8.47 -9.07 -32.54
C ALA A 131 9.88 -8.54 -32.77
N ILE A 132 10.62 -8.38 -31.66
CA ILE A 132 11.99 -7.87 -31.77
C ILE A 132 12.90 -8.89 -32.42
N ASN A 133 12.73 -10.17 -32.09
CA ASN A 133 13.33 -11.27 -32.81
C ASN A 133 12.49 -12.51 -32.51
N SER A 134 12.88 -13.65 -33.09
CA SER A 134 12.07 -14.85 -32.97
C SER A 134 12.05 -15.44 -31.57
N SER A 135 12.85 -14.92 -30.63
CA SER A 135 12.80 -15.46 -29.27
C SER A 135 11.66 -14.88 -28.44
N PHE A 136 11.11 -13.74 -28.82
CA PHE A 136 10.08 -13.06 -28.06
C PHE A 136 8.76 -13.06 -28.81
N ALA A 137 7.66 -13.15 -28.08
CA ALA A 137 6.34 -13.00 -28.69
C ALA A 137 5.92 -11.53 -28.59
N VAL A 138 5.01 -11.15 -29.49
CA VAL A 138 4.50 -9.78 -29.48
C VAL A 138 3.58 -9.62 -28.27
N ALA A 139 3.89 -8.67 -27.42
CA ALA A 139 3.11 -8.49 -26.21
C ALA A 139 1.83 -7.72 -26.54
N PRO A 140 0.66 -8.15 -26.04
CA PRO A 140 -0.62 -7.46 -26.35
C PRO A 140 -0.86 -6.23 -25.48
N LEU A 141 -0.14 -5.15 -25.78
CA LEU A 141 -0.10 -3.99 -24.90
C LEU A 141 -1.07 -2.90 -25.31
N HIS A 142 -1.47 -2.09 -24.33
CA HIS A 142 -1.93 -0.73 -24.52
C HIS A 142 -1.03 0.19 -23.68
N TRP A 143 -1.17 1.50 -23.89
CA TRP A 143 -0.20 2.45 -23.35
C TRP A 143 -0.87 3.65 -22.72
N ILE A 144 -0.24 4.18 -21.67
CA ILE A 144 -0.56 5.50 -21.15
C ILE A 144 0.67 6.39 -21.36
N ILE A 145 0.43 7.62 -21.82
CA ILE A 145 1.46 8.59 -22.14
C ILE A 145 1.09 9.88 -21.46
N SER A 146 2.07 10.55 -20.84
CA SER A 146 1.74 11.77 -20.10
C SER A 146 2.90 12.75 -20.10
N ASP A 147 2.55 14.04 -20.16
CA ASP A 147 3.43 15.11 -19.74
C ASP A 147 2.75 15.79 -18.55
N LYS A 148 3.19 17.00 -18.21
CA LYS A 148 2.62 17.69 -17.07
C LYS A 148 1.19 18.17 -17.31
N ASP A 149 0.76 18.28 -18.56
CA ASP A 149 -0.53 18.91 -18.85
C ASP A 149 -1.63 17.91 -19.13
N GLU A 150 -1.35 16.84 -19.84
CA GLU A 150 -2.42 15.92 -20.20
C GLU A 150 -1.84 14.50 -20.29
N ALA A 151 -2.71 13.52 -20.10
CA ALA A 151 -2.38 12.12 -20.28
C ALA A 151 -3.31 11.55 -21.35
N ILE A 152 -2.80 10.65 -22.17
CA ILE A 152 -3.65 9.97 -23.16
C ILE A 152 -3.47 8.47 -23.04
N ILE A 153 -4.51 7.74 -23.46
CA ILE A 153 -4.47 6.29 -23.58
C ILE A 153 -4.45 5.95 -25.06
N VAL A 154 -3.55 5.05 -25.44
CA VAL A 154 -3.45 4.53 -26.81
C VAL A 154 -3.82 3.06 -26.79
N GLU A 155 -4.89 2.70 -27.49
CA GLU A 155 -5.34 1.32 -27.61
C GLU A 155 -5.53 0.99 -29.09
N VAL A 156 -4.95 -0.12 -29.52
CA VAL A 156 -5.12 -0.61 -30.89
C VAL A 156 -5.68 -2.03 -30.77
N SER A 157 -6.95 -2.21 -31.14
CA SER A 157 -7.65 -3.45 -30.88
C SER A 157 -8.22 -4.04 -32.15
N LYS A 158 -8.45 -5.36 -32.11
CA LYS A 158 -9.22 -6.01 -33.17
C LYS A 158 -10.65 -5.48 -33.21
N GLN A 159 -11.23 -5.17 -32.05
CA GLN A 159 -12.62 -4.72 -32.00
C GLN A 159 -12.80 -3.33 -32.57
N TYR A 160 -11.86 -2.41 -32.33
CA TYR A 160 -12.08 -1.00 -32.57
C TYR A 160 -11.00 -0.29 -33.39
N GLY A 161 -9.94 -1.00 -33.80
CA GLY A 161 -8.86 -0.28 -34.45
C GLY A 161 -8.11 0.61 -33.45
N MET A 162 -7.53 1.69 -33.97
CA MET A 162 -6.74 2.58 -33.12
C MET A 162 -7.62 3.66 -32.51
N LYS A 163 -7.55 3.78 -31.19
CA LYS A 163 -8.28 4.82 -30.46
C LYS A 163 -7.31 5.53 -29.53
N VAL A 164 -7.48 6.84 -29.41
CA VAL A 164 -6.71 7.66 -28.48
C VAL A 164 -7.69 8.42 -27.60
N PHE A 165 -7.57 8.24 -26.29
CA PHE A 165 -8.48 8.84 -25.30
C PHE A 165 -7.72 9.83 -24.43
N ASP A 166 -8.35 10.97 -24.12
CA ASP A 166 -7.88 11.81 -23.02
C ASP A 166 -8.23 11.15 -21.69
N ASP A 167 -7.29 11.16 -20.74
CA ASP A 167 -7.41 10.42 -19.48
C ASP A 167 -7.36 11.40 -18.31
N LYS A 168 -8.49 12.06 -18.04
CA LYS A 168 -8.53 13.01 -16.93
C LYS A 168 -8.41 12.35 -15.56
N LEU A 169 -8.69 11.05 -15.46
CA LEU A 169 -8.54 10.32 -14.20
C LEU A 169 -7.07 10.06 -13.87
N GLY A 170 -6.18 10.08 -14.86
CA GLY A 170 -4.77 9.80 -14.62
C GLY A 170 -4.43 8.36 -14.30
N VAL A 171 -5.29 7.39 -14.63
CA VAL A 171 -5.08 6.00 -14.27
C VAL A 171 -5.29 5.09 -15.49
N LEU A 172 -4.69 3.90 -15.43
CA LEU A 172 -4.92 2.88 -16.44
C LEU A 172 -4.64 1.52 -15.82
N THR A 173 -5.46 0.54 -16.19
CA THR A 173 -5.17 -0.83 -15.76
C THR A 173 -5.13 -1.73 -17.00
N ASN A 174 -5.92 -2.79 -17.01
CA ASN A 174 -5.89 -3.77 -18.08
C ASN A 174 -7.26 -3.87 -18.75
N SER A 175 -7.58 -5.03 -19.35
CA SER A 175 -8.78 -5.15 -20.16
C SER A 175 -10.02 -5.13 -19.27
N PRO A 176 -11.17 -4.74 -19.82
CA PRO A 176 -11.42 -4.37 -21.23
C PRO A 176 -10.96 -2.95 -21.59
N ASP A 177 -11.48 -2.44 -22.71
CA ASP A 177 -11.00 -1.20 -23.30
C ASP A 177 -11.30 0.00 -22.40
N PHE A 178 -10.62 1.12 -22.70
CA PHE A 178 -10.67 2.28 -21.82
C PHE A 178 -12.06 2.89 -21.73
N ASN A 179 -12.76 3.01 -22.87
CA ASN A 179 -14.10 3.57 -22.79
C ASN A 179 -15.01 2.70 -21.95
N TRP A 180 -14.76 1.39 -21.89
CA TRP A 180 -15.55 0.53 -21.02
C TRP A 180 -15.39 0.92 -19.56
N HIS A 181 -14.15 1.10 -19.12
CA HIS A 181 -13.87 1.49 -17.74
C HIS A 181 -14.48 2.85 -17.41
N LEU A 182 -14.26 3.84 -18.30
CA LEU A 182 -14.87 5.17 -18.12
C LEU A 182 -16.36 5.06 -17.90
N THR A 183 -17.04 4.30 -18.76
CA THR A 183 -18.47 4.08 -18.61
C THR A 183 -18.81 3.46 -17.26
N ASN A 184 -17.97 2.54 -16.78
CA ASN A 184 -18.24 1.86 -15.51
C ASN A 184 -18.30 2.85 -14.36
N LEU A 185 -17.53 3.95 -14.42
CA LEU A 185 -17.49 4.90 -13.30
C LEU A 185 -18.88 5.44 -12.95
N GLY A 186 -19.72 5.66 -13.95
CA GLY A 186 -21.08 6.13 -13.67
C GLY A 186 -21.85 5.24 -12.71
N ASN A 187 -21.50 3.96 -12.66
CA ASN A 187 -22.17 3.03 -11.75
C ASN A 187 -21.70 3.19 -10.31
N TYR A 188 -20.67 3.98 -10.08
CA TYR A 188 -20.09 4.17 -8.75
C TYR A 188 -20.29 5.60 -8.23
N THR A 189 -21.20 6.36 -8.84
CA THR A 189 -21.47 7.71 -8.34
C THR A 189 -22.01 7.71 -6.91
N GLY A 190 -22.45 6.55 -6.39
CA GLY A 190 -22.90 6.45 -5.02
C GLY A 190 -21.78 6.55 -3.98
N LEU A 191 -20.52 6.38 -4.41
CA LEU A 191 -19.38 6.54 -3.52
C LEU A 191 -19.28 7.98 -3.05
N ASP A 192 -18.87 8.16 -1.80
CA ASP A 192 -18.77 9.48 -1.22
C ASP A 192 -17.69 9.43 -0.14
N PRO A 193 -16.67 10.28 -0.20
CA PRO A 193 -15.70 10.32 0.91
C PRO A 193 -16.33 10.69 2.24
N HIS A 194 -17.45 11.41 2.24
CA HIS A 194 -18.08 11.86 3.47
C HIS A 194 -18.73 10.70 4.21
N ASP A 195 -18.46 10.61 5.51
CA ASP A 195 -19.01 9.54 6.33
C ASP A 195 -20.53 9.67 6.43
N ALA A 196 -21.21 8.54 6.52
CA ALA A 196 -22.61 8.57 6.92
C ALA A 196 -22.71 8.96 8.39
N THR A 197 -23.92 9.26 8.82
CA THR A 197 -24.17 9.50 10.24
C THR A 197 -25.34 8.64 10.72
N ALA A 198 -25.67 8.77 12.00
CA ALA A 198 -26.64 7.86 12.60
C ALA A 198 -28.00 8.04 11.94
N GLN A 199 -28.74 6.93 11.85
CA GLN A 199 -30.04 6.95 11.22
C GLN A 199 -31.06 6.25 12.11
N SER A 200 -32.33 6.51 11.85
CA SER A 200 -33.41 5.81 12.53
C SER A 200 -34.08 4.87 11.54
N TRP A 201 -33.86 3.56 11.73
CA TRP A 201 -34.53 2.54 10.92
C TRP A 201 -35.77 2.11 11.71
N ASN A 202 -36.92 2.70 11.37
CA ASN A 202 -38.14 2.55 12.17
C ASN A 202 -37.85 2.62 13.67
N GLY A 203 -37.10 3.63 14.07
CA GLY A 203 -36.84 3.81 15.48
C GLY A 203 -35.66 3.02 16.02
N GLN A 204 -35.13 2.08 15.24
CA GLN A 204 -33.88 1.43 15.62
C GLN A 204 -32.72 2.32 15.24
N LYS A 205 -31.85 2.64 16.20
CA LYS A 205 -30.68 3.45 15.92
C LYS A 205 -29.65 2.63 15.16
N VAL A 206 -29.36 3.04 13.93
CA VAL A 206 -28.37 2.39 13.09
C VAL A 206 -27.32 3.45 12.78
N ALA A 207 -26.12 3.27 13.31
CA ALA A 207 -25.07 4.27 13.33
C ALA A 207 -23.74 3.64 12.94
N PRO A 208 -22.87 4.38 12.26
CA PRO A 208 -21.56 3.81 11.87
C PRO A 208 -20.74 3.39 13.08
N TRP A 209 -19.97 2.31 12.91
CA TRP A 209 -19.06 1.87 13.96
C TRP A 209 -17.69 2.56 13.87
N GLY A 210 -17.29 2.99 12.67
CA GLY A 210 -16.05 3.70 12.45
C GLY A 210 -16.19 4.56 11.21
N VAL A 211 -15.12 5.26 10.84
CA VAL A 211 -15.18 6.11 9.65
C VAL A 211 -15.08 5.24 8.39
N GLY A 212 -15.43 5.83 7.25
CA GLY A 212 -15.34 5.16 5.95
C GLY A 212 -16.67 4.74 5.33
N THR A 213 -17.80 4.99 6.01
CA THR A 213 -19.07 4.37 5.62
C THR A 213 -19.57 4.87 4.27
N GLY A 214 -19.19 6.09 3.86
CA GLY A 214 -19.64 6.63 2.59
C GLY A 214 -19.03 5.97 1.36
N SER A 215 -17.99 5.15 1.51
CA SER A 215 -17.42 4.43 0.39
C SER A 215 -17.89 2.97 0.35
N LEU A 216 -19.00 2.67 1.00
CA LEU A 216 -19.68 1.39 0.84
C LEU A 216 -19.77 1.02 -0.64
N GLY A 217 -19.36 -0.22 -0.97
CA GLY A 217 -19.35 -0.71 -2.34
C GLY A 217 -18.05 -0.52 -3.11
N LEU A 218 -17.06 0.11 -2.53
CA LEU A 218 -15.80 0.26 -3.25
C LEU A 218 -15.11 -1.10 -3.32
N PRO A 219 -14.83 -1.64 -4.50
CA PRO A 219 -14.26 -2.99 -4.57
C PRO A 219 -12.81 -3.03 -4.11
N GLY A 220 -12.44 -4.13 -3.43
CA GLY A 220 -11.10 -4.30 -2.92
C GLY A 220 -10.24 -5.35 -3.59
N ASP A 221 -10.73 -5.99 -4.65
CA ASP A 221 -10.03 -7.09 -5.31
C ASP A 221 -9.19 -6.57 -6.49
N SER A 222 -8.55 -7.51 -7.19
CA SER A 222 -7.54 -7.18 -8.20
C SER A 222 -8.03 -7.33 -9.64
N ILE A 223 -9.32 -7.60 -9.84
CA ILE A 223 -9.95 -7.57 -11.17
C ILE A 223 -9.65 -6.20 -11.80
N PRO A 224 -9.22 -6.15 -13.07
CA PRO A 224 -8.79 -4.85 -13.62
C PRO A 224 -9.84 -3.75 -13.54
N ALA A 225 -11.12 -4.09 -13.77
CA ALA A 225 -12.20 -3.11 -13.62
C ALA A 225 -12.22 -2.52 -12.20
N ASP A 226 -11.99 -3.34 -11.18
CA ASP A 226 -12.10 -2.87 -9.81
C ASP A 226 -10.90 -2.04 -9.38
N ARG A 227 -9.71 -2.43 -9.82
CA ARG A 227 -8.52 -1.59 -9.59
C ARG A 227 -8.66 -0.24 -10.30
N PHE A 228 -9.25 -0.23 -11.51
CA PHE A 228 -9.47 1.03 -12.21
C PHE A 228 -10.40 1.95 -11.39
N VAL A 229 -11.52 1.42 -10.90
CA VAL A 229 -12.45 2.27 -10.16
C VAL A 229 -11.79 2.81 -8.90
N LYS A 230 -11.15 1.94 -8.14
CA LYS A 230 -10.52 2.38 -6.90
C LYS A 230 -9.38 3.36 -7.17
N ALA A 231 -8.54 3.06 -8.16
CA ALA A 231 -7.40 3.93 -8.41
C ALA A 231 -7.86 5.31 -8.87
N ALA A 232 -8.91 5.36 -9.71
CA ALA A 232 -9.43 6.64 -10.17
C ALA A 232 -10.04 7.40 -9.01
N TYR A 233 -10.81 6.70 -8.18
CA TYR A 233 -11.43 7.33 -7.02
C TYR A 233 -10.38 7.91 -6.10
N LEU A 234 -9.29 7.18 -5.84
CA LEU A 234 -8.28 7.69 -4.92
C LEU A 234 -7.56 8.90 -5.52
N ASN A 235 -7.14 8.79 -6.78
CA ASN A 235 -6.38 9.85 -7.43
C ASN A 235 -7.16 11.16 -7.48
N VAL A 236 -8.44 11.10 -7.90
CA VAL A 236 -9.17 12.36 -8.04
C VAL A 236 -9.49 12.98 -6.68
N ASN A 237 -9.59 12.19 -5.60
CA ASN A 237 -9.89 12.76 -4.29
C ASN A 237 -8.65 13.05 -3.45
N TYR A 238 -7.48 12.53 -3.81
CA TYR A 238 -6.28 12.88 -3.06
C TYR A 238 -5.97 14.36 -3.26
N PRO A 239 -5.77 15.13 -2.19
CA PRO A 239 -5.42 16.55 -2.36
C PRO A 239 -4.11 16.72 -3.11
N THR A 240 -3.98 17.85 -3.79
CA THR A 240 -2.68 18.27 -4.32
C THR A 240 -1.75 18.61 -3.17
N VAL A 241 -0.53 18.07 -3.20
CA VAL A 241 0.41 18.26 -2.10
C VAL A 241 1.64 19.00 -2.61
N LYS A 242 2.46 19.47 -1.66
CA LYS A 242 3.58 20.36 -1.95
C LYS A 242 4.90 19.64 -1.72
N GLY A 243 5.82 19.73 -2.70
CA GLY A 243 7.18 19.28 -2.52
C GLY A 243 7.41 17.83 -2.96
N GLU A 244 8.69 17.52 -3.18
CA GLU A 244 9.09 16.23 -3.74
C GLU A 244 8.77 15.07 -2.81
N LYS A 245 9.09 15.20 -1.53
CA LYS A 245 8.89 14.08 -0.62
C LYS A 245 7.42 13.75 -0.49
N ALA A 246 6.59 14.78 -0.29
CA ALA A 246 5.17 14.57 -0.10
C ALA A 246 4.51 13.99 -1.36
N ASN A 247 4.97 14.40 -2.54
CA ASN A 247 4.34 13.94 -3.77
C ASN A 247 4.74 12.51 -4.10
N VAL A 248 6.00 12.17 -3.90
CA VAL A 248 6.44 10.80 -4.10
C VAL A 248 5.70 9.87 -3.13
N ALA A 249 5.50 10.32 -1.90
CA ALA A 249 4.83 9.46 -0.93
C ALA A 249 3.36 9.25 -1.31
N LYS A 250 2.71 10.33 -1.75
CA LYS A 250 1.34 10.24 -2.24
C LYS A 250 1.21 9.23 -3.36
N PHE A 251 2.16 9.26 -4.30
CA PHE A 251 2.17 8.30 -5.39
C PHE A 251 2.22 6.86 -4.85
N PHE A 252 3.20 6.56 -4.01
CA PHE A 252 3.30 5.20 -3.49
C PHE A 252 2.11 4.84 -2.61
N ASN A 253 1.60 5.81 -1.83
CA ASN A 253 0.37 5.56 -1.06
C ASN A 253 -0.76 5.03 -1.95
N ILE A 254 -0.96 5.69 -3.09
CA ILE A 254 -2.06 5.31 -3.97
C ILE A 254 -1.80 3.96 -4.62
N LEU A 255 -0.61 3.77 -5.21
CA LEU A 255 -0.36 2.52 -5.93
C LEU A 255 -0.24 1.31 -5.00
N LYS A 256 0.26 1.51 -3.77
CA LYS A 256 0.31 0.39 -2.83
C LYS A 256 -1.07 0.03 -2.31
N SER A 257 -2.00 0.99 -2.37
CA SER A 257 -3.39 0.71 -2.02
C SER A 257 -4.00 -0.29 -2.99
N VAL A 258 -3.68 -0.17 -4.27
CA VAL A 258 -4.24 -1.05 -5.28
C VAL A 258 -3.22 -2.09 -5.75
N ALA A 259 -2.18 -2.33 -4.97
CA ALA A 259 -1.23 -3.38 -5.32
C ALA A 259 -1.92 -4.74 -5.25
N MET A 260 -1.41 -5.66 -6.04
CA MET A 260 -1.88 -7.04 -6.08
C MET A 260 -1.00 -7.84 -5.13
N ILE A 261 -1.56 -8.33 -4.04
CA ILE A 261 -0.79 -8.80 -2.89
C ILE A 261 -0.42 -10.27 -3.07
N LYS A 262 0.83 -10.61 -2.78
CA LYS A 262 1.32 -11.98 -2.99
C LYS A 262 0.52 -12.97 -2.18
N GLY A 263 0.10 -14.05 -2.84
CA GLY A 263 -0.73 -15.06 -2.22
C GLY A 263 -2.23 -14.89 -2.47
N SER A 264 -2.68 -13.67 -2.77
CA SER A 264 -4.12 -13.42 -2.93
C SER A 264 -4.63 -13.68 -4.35
N VAL A 265 -3.74 -13.87 -5.32
CA VAL A 265 -4.15 -14.13 -6.69
C VAL A 265 -3.32 -15.28 -7.25
N VAL A 266 -3.98 -16.37 -7.62
CA VAL A 266 -3.36 -17.53 -8.28
C VAL A 266 -4.01 -17.68 -9.65
N ASN A 267 -3.21 -17.63 -10.71
CA ASN A 267 -3.79 -17.70 -12.05
C ASN A 267 -4.10 -19.15 -12.43
N LYS A 268 -4.77 -19.32 -13.57
CA LYS A 268 -5.24 -20.66 -13.92
C LYS A 268 -4.09 -21.63 -14.22
N LEU A 269 -2.86 -21.13 -14.35
CA LEU A 269 -1.71 -22.01 -14.52
C LEU A 269 -1.04 -22.37 -13.20
N GLY A 270 -1.49 -21.82 -12.07
CA GLY A 270 -0.94 -22.17 -10.79
C GLY A 270 0.09 -21.21 -10.21
N SER A 271 0.38 -20.10 -10.89
CA SER A 271 1.38 -19.14 -10.43
C SER A 271 0.75 -17.98 -9.68
N ASP A 272 1.48 -17.47 -8.69
CA ASP A 272 1.05 -16.27 -7.99
C ASP A 272 1.24 -15.06 -8.90
N GLU A 273 0.21 -14.22 -9.00
CA GLU A 273 0.31 -12.92 -9.67
C GLU A 273 0.34 -11.85 -8.60
N TYR A 274 1.34 -10.98 -8.64
CA TYR A 274 1.46 -9.94 -7.61
C TYR A 274 2.32 -8.80 -8.13
N THR A 275 2.26 -7.68 -7.41
CA THR A 275 3.03 -6.48 -7.72
C THR A 275 4.49 -6.72 -7.36
N VAL A 276 5.33 -6.93 -8.37
CA VAL A 276 6.73 -7.18 -8.09
C VAL A 276 7.49 -5.87 -7.90
N TYR A 277 7.05 -4.78 -8.53
CA TYR A 277 7.65 -3.49 -8.22
C TYR A 277 6.65 -2.38 -8.43
N THR A 278 6.93 -1.25 -7.77
CA THR A 278 6.19 -0.01 -7.92
C THR A 278 7.19 1.09 -8.23
N ALA A 279 6.94 1.88 -9.27
CA ALA A 279 7.90 2.86 -9.73
C ALA A 279 7.23 4.21 -9.96
N CYS A 280 7.96 5.27 -9.64
CA CYS A 280 7.49 6.64 -9.81
C CYS A 280 8.61 7.47 -10.43
N TYR A 281 8.30 8.16 -11.52
CA TYR A 281 9.23 9.11 -12.14
C TYR A 281 8.83 10.51 -11.71
N SER A 282 9.76 11.24 -11.13
CA SER A 282 9.55 12.64 -10.79
C SER A 282 10.20 13.48 -11.87
N ALA A 283 9.39 14.17 -12.68
CA ALA A 283 9.96 14.95 -13.77
C ALA A 283 10.81 16.11 -13.24
N ALA A 284 10.46 16.66 -12.09
CA ALA A 284 11.15 17.87 -11.63
C ALA A 284 12.59 17.55 -11.21
N THR A 285 12.82 16.39 -10.62
CA THR A 285 14.17 15.97 -10.25
C THR A 285 14.75 14.96 -11.22
N LYS A 286 14.04 14.61 -12.28
CA LYS A 286 14.51 13.61 -13.23
C LYS A 286 14.91 12.32 -12.52
N THR A 287 14.17 11.95 -11.48
CA THR A 287 14.49 10.82 -10.62
C THR A 287 13.46 9.71 -10.79
N TYR A 288 13.94 8.48 -10.99
CA TYR A 288 13.11 7.28 -11.04
C TYR A 288 13.20 6.58 -9.69
N TYR A 289 12.08 6.51 -8.96
CA TYR A 289 11.98 5.83 -7.67
C TYR A 289 11.34 4.46 -7.83
N CYS A 290 11.81 3.48 -7.07
CA CYS A 290 11.12 2.19 -7.12
C CYS A 290 11.39 1.38 -5.85
N ASN A 291 10.48 0.43 -5.59
CA ASN A 291 10.71 -0.55 -4.55
C ASN A 291 10.10 -1.87 -5.01
N PHE A 292 10.29 -2.94 -4.23
CA PHE A 292 9.98 -4.28 -4.71
C PHE A 292 9.21 -5.07 -3.65
N GLU A 293 8.59 -6.17 -4.09
CA GLU A 293 7.77 -6.96 -3.20
C GLU A 293 8.58 -7.42 -1.99
N ASN A 294 9.87 -7.71 -2.17
CA ASN A 294 10.68 -8.23 -1.08
C ASN A 294 11.74 -7.26 -0.61
N ASP A 295 11.60 -5.96 -0.94
CA ASP A 295 12.59 -4.96 -0.54
C ASP A 295 11.91 -3.59 -0.61
N PHE A 296 11.45 -3.10 0.54
CA PHE A 296 10.52 -1.97 0.56
C PHE A 296 11.20 -0.61 0.50
N GLU A 297 12.50 -0.51 0.78
CA GLU A 297 13.20 0.77 0.72
C GLU A 297 13.13 1.34 -0.70
N LEU A 298 12.94 2.66 -0.79
CA LEU A 298 12.93 3.32 -2.08
C LEU A 298 14.35 3.39 -2.64
N LYS A 299 14.52 2.87 -3.85
CA LYS A 299 15.77 3.01 -4.59
C LYS A 299 15.59 4.11 -5.63
N THR A 300 16.63 4.92 -5.85
CA THR A 300 16.50 6.06 -6.73
C THR A 300 17.60 6.06 -7.79
N TYR A 301 17.23 6.52 -8.98
CA TYR A 301 18.10 6.58 -10.14
C TYR A 301 17.77 7.86 -10.89
N LYS A 302 18.79 8.55 -11.40
CA LYS A 302 18.65 9.93 -11.83
C LYS A 302 19.22 10.14 -13.22
N LEU A 303 18.49 10.91 -14.03
CA LEU A 303 19.04 11.50 -15.25
C LEU A 303 19.71 12.82 -14.87
N ASP A 304 21.03 12.88 -15.02
CA ASP A 304 21.77 14.11 -14.74
C ASP A 304 22.87 14.24 -15.79
N ASP A 305 23.75 15.22 -15.60
CA ASP A 305 24.75 15.54 -16.62
C ASP A 305 25.69 14.37 -16.87
N GLU A 306 25.94 13.54 -15.86
CA GLU A 306 26.75 12.33 -16.10
C GLU A 306 25.97 11.29 -16.89
N THR A 307 24.85 10.81 -16.35
CA THR A 307 24.15 9.69 -16.97
C THR A 307 23.60 10.04 -18.35
N MET A 308 23.21 11.29 -18.59
CA MET A 308 22.60 11.63 -19.88
C MET A 308 23.62 11.69 -21.01
N ASN A 309 24.89 11.89 -20.68
CA ASN A 309 25.97 11.92 -21.66
C ASN A 309 26.90 10.72 -21.53
N ALA A 310 26.42 9.61 -20.96
CA ALA A 310 27.23 8.42 -20.87
C ALA A 310 27.53 7.85 -22.26
N ASP A 311 28.56 7.02 -22.32
CA ASP A 311 29.06 6.40 -23.54
C ASP A 311 28.47 5.02 -23.81
N LYS A 312 27.51 4.57 -23.00
CA LYS A 312 26.96 3.22 -23.10
C LYS A 312 25.61 3.23 -22.40
N LEU A 313 24.88 2.11 -22.50
CA LEU A 313 23.74 1.93 -21.62
C LEU A 313 24.25 1.76 -20.18
N ILE A 314 23.55 2.37 -19.25
CA ILE A 314 23.80 2.21 -17.81
C ILE A 314 22.73 1.28 -17.27
N THR A 315 23.12 0.09 -16.83
CA THR A 315 22.19 -0.94 -16.40
C THR A 315 22.49 -1.33 -14.96
N TYR A 316 21.47 -1.29 -14.12
CA TYR A 316 21.60 -1.74 -12.75
C TYR A 316 21.11 -3.18 -12.65
N HIS A 317 21.58 -3.88 -11.62
CA HIS A 317 21.38 -5.33 -11.54
C HIS A 317 19.89 -5.66 -11.53
N HIS A 318 19.58 -6.91 -11.89
CA HIS A 318 18.21 -7.40 -11.89
C HIS A 318 17.86 -7.97 -10.53
N HIS A 319 16.73 -7.54 -9.98
CA HIS A 319 16.22 -8.04 -8.72
C HIS A 319 15.33 -9.26 -8.98
N HIS A 320 15.73 -10.43 -8.46
CA HIS A 320 15.00 -11.67 -8.76
C HIS A 320 13.63 -11.68 -8.09
N HIS A 321 12.66 -12.29 -8.77
CA HIS A 321 11.36 -12.55 -8.18
C HIS A 321 10.76 -13.79 -8.83
N HIS A 322 9.69 -14.31 -8.23
CA HIS A 322 9.02 -15.54 -8.67
C HIS A 322 9.98 -16.72 -8.67
N CYS B 2 -7.40 2.30 12.04
CA CYS B 2 -6.24 1.55 12.49
C CYS B 2 -6.39 0.05 12.17
N THR B 3 -5.24 -0.54 11.81
CA THR B 3 -5.12 -1.97 11.59
C THR B 3 -3.83 -2.44 12.27
N GLY B 4 -3.93 -3.48 13.09
CA GLY B 4 -2.77 -4.11 13.68
C GLY B 4 -2.47 -5.43 12.99
N LEU B 5 -1.19 -5.79 12.89
CA LEU B 5 -0.79 -6.95 12.12
C LEU B 5 0.42 -7.65 12.75
N ARG B 6 0.41 -8.98 12.73
CA ARG B 6 1.58 -9.77 13.12
C ARG B 6 1.65 -11.05 12.28
N PHE B 7 2.87 -11.55 12.14
CA PHE B 7 3.16 -12.86 11.56
C PHE B 7 4.63 -13.19 11.88
N THR B 8 5.07 -14.38 11.51
CA THR B 8 6.46 -14.77 11.74
C THR B 8 7.07 -15.26 10.44
N ASP B 9 8.41 -15.24 10.38
CA ASP B 9 9.14 -15.93 9.33
C ASP B 9 9.20 -17.42 9.67
N ASP B 10 10.04 -18.18 8.94
CA ASP B 10 10.14 -19.62 9.15
C ASP B 10 10.80 -20.00 10.47
N GLN B 11 11.58 -19.11 11.07
CA GLN B 11 12.31 -19.42 12.30
C GLN B 11 11.73 -18.73 13.53
N GLY B 12 10.48 -18.31 13.47
CA GLY B 12 9.87 -17.72 14.64
C GLY B 12 10.29 -16.30 14.95
N ASN B 13 10.83 -15.57 13.98
CA ASN B 13 11.08 -14.14 14.16
C ASN B 13 9.79 -13.37 13.91
N LEU B 14 9.41 -12.53 14.86
CA LEU B 14 8.13 -11.84 14.84
C LEU B 14 8.22 -10.49 14.13
N TYR B 15 7.19 -10.19 13.35
CA TYR B 15 7.01 -8.86 12.74
C TYR B 15 5.62 -8.40 13.15
N PHE B 16 5.53 -7.23 13.80
CA PHE B 16 4.33 -6.86 14.54
C PHE B 16 4.20 -5.34 14.54
N GLY B 17 3.04 -4.83 14.15
CA GLY B 17 2.87 -3.39 14.07
C GLY B 17 1.46 -2.96 13.71
N ARG B 18 1.36 -1.73 13.18
CA ARG B 18 0.04 -1.15 12.96
C ARG B 18 0.12 0.06 12.05
N ASN B 19 -1.00 0.34 11.39
CA ASN B 19 -1.33 1.65 10.83
C ASN B 19 -1.97 2.51 11.92
N LEU B 20 -1.64 3.80 11.94
CA LEU B 20 -2.40 4.78 12.73
C LEU B 20 -3.26 5.60 11.79
N ASP B 21 -4.59 5.40 11.88
CA ASP B 21 -5.57 6.05 11.02
C ASP B 21 -6.37 7.04 11.86
N VAL B 22 -6.07 8.34 11.74
CA VAL B 22 -6.68 9.35 12.61
C VAL B 22 -7.11 10.56 11.79
N GLY B 23 -7.92 11.40 12.43
CA GLY B 23 -8.44 12.62 11.83
C GLY B 23 -7.84 13.89 12.38
N GLN B 24 -6.85 13.78 13.26
CA GLN B 24 -6.16 14.95 13.79
C GLN B 24 -4.75 14.55 14.16
N ASP B 25 -3.94 15.55 14.52
CA ASP B 25 -2.55 15.33 14.93
C ASP B 25 -2.46 15.25 16.45
N TYR B 26 -1.82 14.19 16.95
CA TYR B 26 -1.65 13.97 18.38
C TYR B 26 -0.25 14.33 18.89
N GLY B 27 0.63 14.82 18.02
CA GLY B 27 1.96 15.22 18.46
C GLY B 27 2.88 14.10 18.85
N GLU B 28 2.58 12.86 18.47
CA GLU B 28 3.34 11.69 18.87
C GLU B 28 4.71 11.67 18.17
N GLY B 29 5.62 10.87 18.74
CA GLY B 29 6.92 10.63 18.11
C GLY B 29 7.49 9.36 18.69
N VAL B 30 8.65 8.94 18.16
CA VAL B 30 9.30 7.72 18.64
C VAL B 30 9.93 7.98 20.00
N ILE B 31 9.75 7.01 20.91
CA ILE B 31 10.19 7.11 22.30
C ILE B 31 10.86 5.80 22.69
N ILE B 32 12.07 5.90 23.21
CA ILE B 32 12.77 4.75 23.78
C ILE B 32 12.77 4.92 25.29
N THR B 33 12.23 3.93 25.98
CA THR B 33 12.27 3.94 27.43
C THR B 33 13.35 2.98 27.87
N PRO B 34 14.37 3.42 28.59
CA PRO B 34 15.46 2.51 28.95
C PRO B 34 15.16 1.76 30.23
N ARG B 35 16.05 0.87 30.63
CA ARG B 35 15.90 0.16 31.88
C ARG B 35 16.09 1.10 33.06
N ASN B 36 15.50 0.74 34.20
CA ASN B 36 15.60 1.50 35.45
C ASN B 36 15.00 2.91 35.34
N TYR B 37 14.03 3.09 34.44
CA TYR B 37 13.31 4.35 34.39
C TYR B 37 12.14 4.33 35.37
N PRO B 38 11.85 5.45 36.05
CA PRO B 38 10.79 5.46 37.06
C PRO B 38 9.44 5.11 36.45
N LEU B 39 8.72 4.19 37.09
CA LEU B 39 7.46 3.68 36.55
C LEU B 39 6.40 3.75 37.64
N PRO B 40 5.69 4.87 37.74
CA PRO B 40 4.59 4.98 38.71
C PRO B 40 3.34 4.23 38.27
N TYR B 41 2.53 3.84 39.26
CA TYR B 41 1.24 3.20 39.04
C TYR B 41 0.18 3.89 39.90
N LYS B 42 -1.04 3.99 39.36
CA LYS B 42 -2.11 4.65 40.11
C LYS B 42 -2.56 3.81 41.31
N PHE B 43 -2.61 2.49 41.16
CA PHE B 43 -3.23 1.62 42.14
C PHE B 43 -2.32 0.49 42.58
N LEU B 44 -1.04 0.54 42.23
CA LEU B 44 -0.05 -0.43 42.66
C LEU B 44 1.18 0.33 43.15
N ASP B 45 2.05 -0.39 43.83
CA ASP B 45 3.35 0.16 44.21
C ASP B 45 4.07 0.71 42.98
N ASN B 46 4.59 1.92 43.11
CA ASN B 46 5.49 2.49 42.12
C ASN B 46 6.79 1.69 42.05
N THR B 47 7.39 1.66 40.87
CA THR B 47 8.58 0.82 40.63
C THR B 47 9.42 1.48 39.54
N THR B 48 10.28 0.70 38.90
CA THR B 48 11.07 1.15 37.76
C THR B 48 10.96 0.10 36.66
N THR B 49 11.23 0.52 35.43
CA THR B 49 11.23 -0.44 34.33
C THR B 49 12.40 -1.40 34.47
N LYS B 50 12.17 -2.66 34.08
CA LYS B 50 13.19 -3.68 34.02
C LYS B 50 13.54 -4.06 32.59
N LYS B 51 12.72 -3.66 31.62
CA LYS B 51 12.93 -3.93 30.22
C LYS B 51 12.89 -2.62 29.46
N ALA B 52 13.76 -2.50 28.46
CA ALA B 52 13.66 -1.36 27.55
C ALA B 52 12.55 -1.60 26.54
N VAL B 53 11.85 -0.54 26.18
CA VAL B 53 10.79 -0.62 25.19
C VAL B 53 10.92 0.54 24.21
N ILE B 54 10.36 0.33 23.02
CA ILE B 54 10.37 1.33 21.96
C ILE B 54 8.97 1.36 21.35
N GLY B 55 8.62 2.49 20.79
CA GLY B 55 7.34 2.62 20.12
C GLY B 55 7.02 4.09 19.92
N MET B 56 5.80 4.33 19.45
CA MET B 56 5.33 5.67 19.16
C MET B 56 4.40 6.14 20.29
N GLY B 57 4.52 7.39 20.70
CA GLY B 57 3.66 7.90 21.75
C GLY B 57 3.95 9.34 22.11
N ILE B 58 3.44 9.78 23.27
CA ILE B 58 3.73 11.10 23.79
C ILE B 58 4.26 10.96 25.21
N VAL B 59 4.87 12.05 25.69
CA VAL B 59 5.43 12.09 27.04
C VAL B 59 4.57 13.05 27.86
N VAL B 60 4.01 12.55 28.97
CA VAL B 60 3.12 13.32 29.82
C VAL B 60 3.78 13.35 31.20
N ASP B 61 4.35 14.49 31.57
CA ASP B 61 5.07 14.65 32.84
C ASP B 61 6.07 13.51 33.05
N GLY B 62 6.85 13.22 32.01
CA GLY B 62 7.86 12.20 32.11
C GLY B 62 7.38 10.77 31.98
N TYR B 63 6.07 10.56 31.82
CA TYR B 63 5.52 9.22 31.60
C TYR B 63 5.36 8.96 30.12
N PRO B 64 6.04 7.97 29.55
CA PRO B 64 5.85 7.67 28.12
C PRO B 64 4.53 6.96 27.87
N SER B 65 3.60 7.64 27.19
CA SER B 65 2.26 7.11 26.92
C SER B 65 2.24 6.60 25.49
N TYR B 66 2.29 5.28 25.34
CA TYR B 66 2.56 4.66 24.06
C TYR B 66 1.27 4.39 23.30
N PHE B 67 1.30 4.64 21.99
CA PHE B 67 0.26 4.16 21.09
C PHE B 67 0.47 2.68 20.76
N ASP B 68 1.73 2.27 20.69
CA ASP B 68 2.17 0.89 20.48
C ASP B 68 3.58 0.82 21.05
N CYS B 69 3.94 -0.31 21.67
CA CYS B 69 5.31 -0.44 22.15
C CYS B 69 5.70 -1.91 22.30
N PHE B 70 7.02 -2.12 22.31
CA PHE B 70 7.61 -3.42 22.09
C PHE B 70 8.82 -3.51 23.00
N ASN B 71 8.94 -4.61 23.76
CA ASN B 71 10.06 -4.71 24.68
C ASN B 71 11.21 -5.47 24.04
N GLU B 72 12.40 -5.31 24.64
CA GLU B 72 13.62 -5.92 24.11
C GLU B 72 13.50 -7.43 23.96
N ASP B 73 12.58 -8.07 24.67
CA ASP B 73 12.42 -9.52 24.66
C ASP B 73 11.43 -10.02 23.61
N GLY B 74 10.98 -9.17 22.70
CA GLY B 74 10.14 -9.64 21.60
C GLY B 74 8.65 -9.67 21.87
N LEU B 75 8.16 -9.00 22.91
CA LEU B 75 6.73 -8.96 23.18
C LEU B 75 6.26 -7.53 23.05
N GLY B 76 5.14 -7.32 22.33
CA GLY B 76 4.63 -6.00 22.11
C GLY B 76 3.13 -5.92 22.30
N ILE B 77 2.62 -4.69 22.22
CA ILE B 77 1.21 -4.38 22.43
C ILE B 77 0.90 -3.11 21.64
N ALA B 78 -0.26 -3.09 21.00
CA ALA B 78 -0.74 -1.88 20.33
C ALA B 78 -2.15 -1.58 20.78
N GLY B 79 -2.41 -0.30 21.06
CA GLY B 79 -3.73 0.15 21.42
C GLY B 79 -4.45 0.74 20.21
N LEU B 80 -5.66 0.27 19.98
CA LEU B 80 -6.48 0.69 18.84
C LEU B 80 -7.85 1.09 19.36
N ASN B 81 -8.53 1.93 18.58
CA ASN B 81 -9.82 2.47 18.98
C ASN B 81 -10.91 1.42 18.99
N PHE B 82 -11.81 1.54 19.96
CA PHE B 82 -12.90 0.59 20.19
C PHE B 82 -14.13 1.39 20.60
N PRO B 83 -14.55 2.39 19.82
CA PRO B 83 -15.62 3.30 20.26
C PRO B 83 -16.95 2.59 20.33
N HIS B 84 -17.84 3.12 21.17
CA HIS B 84 -19.18 2.58 21.42
C HIS B 84 -19.16 1.22 22.11
N PHE B 85 -17.99 0.69 22.46
CA PHE B 85 -17.89 -0.57 23.19
C PHE B 85 -17.03 -0.42 24.45
N ALA B 86 -15.79 0.03 24.28
CA ALA B 86 -14.83 0.10 25.39
C ALA B 86 -15.45 0.80 26.60
N LYS B 87 -15.37 0.15 27.76
CA LYS B 87 -15.87 0.74 29.01
C LYS B 87 -15.14 0.07 30.17
N PHE B 88 -14.47 0.87 30.97
CA PHE B 88 -13.65 0.34 32.06
C PHE B 88 -14.36 0.57 33.40
N SER B 89 -13.81 -0.04 34.46
CA SER B 89 -14.42 0.04 35.79
C SER B 89 -14.42 1.45 36.32
N ASP B 90 -15.54 1.85 36.90
CA ASP B 90 -15.65 3.14 37.59
C ASP B 90 -15.11 2.99 39.02
N GLY B 91 -13.81 2.74 39.10
CA GLY B 91 -13.12 2.61 40.35
C GLY B 91 -12.41 1.28 40.49
N PRO B 92 -11.35 1.25 41.31
CA PRO B 92 -10.66 -0.02 41.54
C PRO B 92 -11.49 -0.97 42.38
N ILE B 93 -11.23 -2.27 42.20
CA ILE B 93 -11.95 -3.35 42.88
C ILE B 93 -11.00 -4.04 43.85
N ASP B 94 -11.48 -4.31 45.07
CA ASP B 94 -10.66 -5.02 46.04
C ASP B 94 -10.28 -6.42 45.56
N GLY B 95 -9.02 -6.80 45.80
CA GLY B 95 -8.52 -8.11 45.43
C GLY B 95 -8.03 -8.22 44.00
N LYS B 96 -8.31 -7.26 43.15
CA LYS B 96 -7.84 -7.29 41.77
C LYS B 96 -6.49 -6.60 41.63
N ILE B 97 -5.82 -6.88 40.51
CA ILE B 97 -4.74 -6.04 40.00
C ILE B 97 -5.39 -4.90 39.22
N ASN B 98 -5.44 -3.70 39.79
CA ASN B 98 -6.16 -2.58 39.18
C ASN B 98 -5.19 -1.74 38.37
N LEU B 99 -5.48 -1.55 37.08
CA LEU B 99 -4.70 -0.68 36.21
C LEU B 99 -5.62 0.36 35.60
N ALA B 100 -5.23 1.64 35.67
CA ALA B 100 -5.88 2.60 34.80
C ALA B 100 -5.61 2.15 33.37
N SER B 101 -6.57 2.36 32.46
CA SER B 101 -6.49 1.69 31.17
C SER B 101 -5.22 2.06 30.41
N TYR B 102 -4.70 3.28 30.59
CA TYR B 102 -3.47 3.66 29.89
C TYR B 102 -2.24 2.94 30.43
N GLU B 103 -2.27 2.41 31.66
CA GLU B 103 -1.10 1.74 32.22
C GLU B 103 -0.86 0.36 31.63
N ILE B 104 -1.78 -0.15 30.79
CA ILE B 104 -1.64 -1.53 30.37
C ILE B 104 -0.45 -1.70 29.42
N MET B 105 -0.12 -0.66 28.66
CA MET B 105 0.98 -0.75 27.70
C MET B 105 2.28 -1.14 28.41
N LEU B 106 2.65 -0.39 29.45
CA LEU B 106 3.89 -0.69 30.15
C LEU B 106 3.76 -1.88 31.10
N TRP B 107 2.59 -2.06 31.72
CA TRP B 107 2.41 -3.25 32.55
C TRP B 107 2.64 -4.53 31.76
N VAL B 108 2.15 -4.59 30.53
CA VAL B 108 2.36 -5.80 29.73
C VAL B 108 3.83 -5.92 29.33
N THR B 109 4.44 -4.84 28.83
CA THR B 109 5.80 -4.95 28.31
C THR B 109 6.85 -5.04 29.40
N GLN B 110 6.55 -4.57 30.61
CA GLN B 110 7.55 -4.58 31.68
C GLN B 110 7.59 -5.90 32.43
N ASN B 111 6.48 -6.65 32.48
CA ASN B 111 6.38 -7.81 33.36
C ASN B 111 6.34 -9.14 32.63
N PHE B 112 6.28 -9.15 31.31
CA PHE B 112 6.12 -10.42 30.63
C PHE B 112 7.03 -10.53 29.43
N THR B 113 7.29 -11.78 29.05
CA THR B 113 7.91 -12.08 27.78
C THR B 113 7.09 -13.07 26.98
N LYS B 114 6.08 -13.69 27.57
CA LYS B 114 5.29 -14.69 26.87
C LYS B 114 3.81 -14.32 26.97
N VAL B 115 3.10 -14.43 25.85
CA VAL B 115 1.67 -14.14 25.85
C VAL B 115 0.93 -15.12 26.75
N SER B 116 1.39 -16.38 26.80
CA SER B 116 0.72 -17.36 27.67
C SER B 116 0.73 -16.91 29.13
N ASP B 117 1.82 -16.27 29.57
CA ASP B 117 1.84 -15.70 30.93
C ASP B 117 0.90 -14.50 31.06
N VAL B 118 0.89 -13.59 30.07
CA VAL B 118 -0.04 -12.46 30.11
C VAL B 118 -1.46 -12.97 30.29
N LYS B 119 -1.82 -13.99 29.51
CA LYS B 119 -3.16 -14.57 29.56
C LYS B 119 -3.52 -14.99 30.97
N GLU B 120 -2.62 -15.70 31.66
CA GLU B 120 -2.93 -16.15 33.02
C GLU B 120 -3.04 -14.97 33.98
N ALA B 121 -2.20 -13.94 33.79
CA ALA B 121 -2.24 -12.82 34.72
C ALA B 121 -3.49 -11.97 34.54
N LEU B 122 -4.01 -11.89 33.32
CA LEU B 122 -5.19 -11.05 33.06
C LEU B 122 -6.43 -11.54 33.79
N LYS B 123 -6.42 -12.77 34.30
CA LYS B 123 -7.55 -13.30 35.04
C LYS B 123 -7.78 -12.57 36.35
N ASN B 124 -6.76 -11.90 36.90
CA ASN B 124 -6.94 -11.11 38.10
C ASN B 124 -6.76 -9.61 37.86
N VAL B 125 -6.90 -9.15 36.62
CA VAL B 125 -6.68 -7.75 36.29
C VAL B 125 -8.04 -7.07 36.13
N ASN B 126 -8.14 -5.85 36.66
CA ASN B 126 -9.29 -5.00 36.45
C ASN B 126 -8.80 -3.69 35.85
N LEU B 127 -9.33 -3.33 34.69
CA LEU B 127 -9.01 -2.07 34.04
C LEU B 127 -9.96 -0.98 34.51
N VAL B 128 -9.39 0.16 34.91
CA VAL B 128 -10.14 1.21 35.61
C VAL B 128 -10.28 2.44 34.70
N ASN B 129 -11.47 3.05 34.74
CA ASN B 129 -11.77 4.21 33.91
C ASN B 129 -11.14 5.44 34.57
N GLU B 130 -9.85 5.66 34.28
CA GLU B 130 -9.10 6.70 34.97
C GLU B 130 -8.02 7.25 34.03
N ALA B 131 -7.98 8.58 33.89
CA ALA B 131 -7.06 9.26 32.98
C ALA B 131 -5.70 9.48 33.62
N ILE B 132 -4.70 9.74 32.77
CA ILE B 132 -3.35 9.98 33.25
C ILE B 132 -3.32 11.19 34.18
N ASN B 133 -4.00 12.26 33.78
CA ASN B 133 -4.17 13.42 34.66
C ASN B 133 -5.38 14.20 34.17
N SER B 134 -5.56 15.40 34.74
CA SER B 134 -6.81 16.14 34.66
C SER B 134 -7.15 16.58 33.25
N SER B 135 -6.14 16.77 32.40
CA SER B 135 -6.33 17.38 31.10
C SER B 135 -6.39 16.37 29.99
N PHE B 136 -6.59 15.09 30.31
CA PHE B 136 -6.73 14.03 29.33
C PHE B 136 -8.03 13.28 29.59
N ALA B 137 -8.70 12.88 28.52
CA ALA B 137 -9.82 11.96 28.65
C ALA B 137 -9.30 10.52 28.54
N VAL B 138 -10.12 9.58 29.01
CA VAL B 138 -9.79 8.18 28.88
C VAL B 138 -10.06 7.74 27.45
N ALA B 139 -9.07 7.12 26.82
CA ALA B 139 -9.29 6.72 25.43
C ALA B 139 -10.03 5.38 25.39
N PRO B 140 -11.01 5.23 24.51
CA PRO B 140 -11.77 3.96 24.42
C PRO B 140 -11.08 2.91 23.56
N LEU B 141 -10.07 2.26 24.14
CA LEU B 141 -9.19 1.37 23.42
C LEU B 141 -9.52 -0.10 23.65
N HIS B 142 -9.13 -0.94 22.69
CA HIS B 142 -8.84 -2.35 22.90
C HIS B 142 -7.44 -2.61 22.36
N TRP B 143 -6.88 -3.78 22.65
CA TRP B 143 -5.45 -4.01 22.44
C TRP B 143 -5.19 -5.34 21.73
N ILE B 144 -4.10 -5.36 20.96
CA ILE B 144 -3.56 -6.61 20.44
C ILE B 144 -2.19 -6.81 21.07
N ILE B 145 -1.95 -7.99 21.62
CA ILE B 145 -0.70 -8.34 22.27
C ILE B 145 -0.14 -9.57 21.55
N SER B 146 1.17 -9.54 21.24
CA SER B 146 1.75 -10.67 20.52
C SER B 146 3.19 -10.93 20.95
N ASP B 147 3.54 -12.21 21.06
CA ASP B 147 4.91 -12.65 20.97
C ASP B 147 5.05 -13.47 19.69
N LYS B 148 6.14 -14.22 19.58
CA LYS B 148 6.37 -14.99 18.35
C LYS B 148 5.44 -16.19 18.23
N ASP B 149 4.83 -16.65 19.33
CA ASP B 149 3.98 -17.84 19.27
C ASP B 149 2.50 -17.55 19.13
N GLU B 150 1.98 -16.48 19.73
CA GLU B 150 0.55 -16.25 19.65
C GLU B 150 0.25 -14.77 19.85
N ALA B 151 -0.91 -14.37 19.35
CA ALA B 151 -1.46 -13.04 19.56
C ALA B 151 -2.79 -13.17 20.28
N ILE B 152 -3.05 -12.27 21.23
CA ILE B 152 -4.35 -12.20 21.88
C ILE B 152 -4.94 -10.80 21.70
N ILE B 153 -6.26 -10.73 21.75
CA ILE B 153 -7.04 -9.50 21.72
C ILE B 153 -7.60 -9.29 23.12
N VAL B 154 -7.41 -8.09 23.67
CA VAL B 154 -7.97 -7.77 24.98
C VAL B 154 -9.03 -6.71 24.77
N GLU B 155 -10.28 -7.02 25.17
CA GLU B 155 -11.41 -6.12 25.01
C GLU B 155 -12.20 -6.06 26.31
N VAL B 156 -12.44 -4.84 26.81
CA VAL B 156 -13.28 -4.63 27.99
C VAL B 156 -14.39 -3.69 27.57
N SER B 157 -15.62 -4.20 27.52
CA SER B 157 -16.73 -3.46 26.94
C SER B 157 -17.91 -3.44 27.90
N LYS B 158 -18.76 -2.43 27.71
CA LYS B 158 -19.99 -2.38 28.50
C LYS B 158 -20.92 -3.51 28.10
N GLN B 159 -20.83 -3.97 26.85
CA GLN B 159 -21.68 -5.07 26.42
C GLN B 159 -21.27 -6.40 27.06
N TYR B 160 -19.96 -6.67 27.15
CA TYR B 160 -19.52 -8.04 27.46
C TYR B 160 -18.48 -8.15 28.58
N GLY B 161 -18.14 -7.04 29.25
CA GLY B 161 -17.07 -7.16 30.24
C GLY B 161 -15.72 -7.40 29.60
N MET B 162 -14.82 -8.02 30.38
CA MET B 162 -13.46 -8.29 29.92
C MET B 162 -13.39 -9.65 29.22
N LYS B 163 -12.92 -9.63 27.97
CA LYS B 163 -12.81 -10.81 27.11
C LYS B 163 -11.41 -10.84 26.51
N VAL B 164 -10.82 -12.02 26.42
CA VAL B 164 -9.48 -12.22 25.89
C VAL B 164 -9.57 -13.30 24.82
N PHE B 165 -9.20 -12.97 23.58
CA PHE B 165 -9.34 -13.89 22.46
C PHE B 165 -7.98 -14.27 21.90
N ASP B 166 -7.83 -15.53 21.51
CA ASP B 166 -6.71 -15.90 20.67
C ASP B 166 -6.97 -15.43 19.25
N ASP B 167 -5.95 -14.88 18.60
CA ASP B 167 -6.09 -14.24 17.29
C ASP B 167 -5.22 -14.94 16.25
N LYS B 168 -5.73 -16.07 15.71
CA LYS B 168 -5.00 -16.80 14.69
C LYS B 168 -4.90 -16.05 13.36
N LEU B 169 -5.75 -15.05 13.12
CA LEU B 169 -5.65 -14.27 11.91
C LEU B 169 -4.49 -13.28 11.97
N GLY B 170 -4.01 -12.96 13.17
CA GLY B 170 -2.95 -11.97 13.35
C GLY B 170 -3.33 -10.54 13.03
N VAL B 171 -4.64 -10.21 13.03
CA VAL B 171 -5.08 -8.86 12.68
C VAL B 171 -6.07 -8.34 13.71
N LEU B 172 -6.16 -7.02 13.78
CA LEU B 172 -7.15 -6.33 14.61
C LEU B 172 -7.46 -5.00 13.95
N THR B 173 -8.73 -4.62 13.95
CA THR B 173 -9.09 -3.26 13.52
C THR B 173 -9.82 -2.55 14.65
N ASN B 174 -11.01 -2.03 14.36
CA ASN B 174 -11.78 -1.26 15.33
C ASN B 174 -13.14 -1.91 15.56
N SER B 175 -14.14 -1.12 15.94
CA SER B 175 -15.43 -1.67 16.33
C SER B 175 -16.16 -2.26 15.14
N PRO B 176 -17.01 -3.27 15.36
CA PRO B 176 -17.45 -3.81 16.66
C PRO B 176 -16.48 -4.81 17.29
N ASP B 177 -16.97 -5.61 18.25
CA ASP B 177 -16.12 -6.48 19.06
C ASP B 177 -15.50 -7.61 18.24
N PHE B 178 -14.48 -8.25 18.82
CA PHE B 178 -13.67 -9.20 18.06
C PHE B 178 -14.47 -10.40 17.61
N ASN B 179 -15.31 -10.95 18.49
CA ASN B 179 -16.11 -12.10 18.08
C ASN B 179 -17.06 -11.77 16.94
N TRP B 180 -17.59 -10.54 16.90
CA TRP B 180 -18.42 -10.12 15.77
C TRP B 180 -17.62 -10.25 14.47
N HIS B 181 -16.39 -9.72 14.47
CA HIS B 181 -15.54 -9.79 13.27
C HIS B 181 -15.25 -11.24 12.88
N LEU B 182 -14.87 -12.08 13.87
CA LEU B 182 -14.61 -13.49 13.57
C LEU B 182 -15.83 -14.15 12.93
N THR B 183 -17.00 -13.90 13.51
CA THR B 183 -18.24 -14.42 12.94
C THR B 183 -18.46 -13.91 11.52
N ASN B 184 -18.07 -12.66 11.26
CA ASN B 184 -18.33 -12.08 9.93
C ASN B 184 -17.56 -12.82 8.83
N LEU B 185 -16.42 -13.44 9.16
CA LEU B 185 -15.62 -14.14 8.15
C LEU B 185 -16.38 -15.26 7.46
N GLY B 186 -17.27 -15.95 8.19
CA GLY B 186 -18.05 -17.03 7.60
C GLY B 186 -18.88 -16.60 6.41
N ASN B 187 -19.23 -15.31 6.33
CA ASN B 187 -19.96 -14.79 5.19
C ASN B 187 -19.08 -14.57 3.97
N TYR B 188 -17.76 -14.68 4.12
CA TYR B 188 -16.81 -14.44 3.02
C TYR B 188 -16.12 -15.72 2.57
N THR B 189 -16.65 -16.89 2.95
CA THR B 189 -16.07 -18.15 2.53
C THR B 189 -16.11 -18.34 1.01
N GLY B 190 -16.93 -17.57 0.30
CA GLY B 190 -16.90 -17.58 -1.15
C GLY B 190 -15.63 -17.04 -1.78
N LEU B 191 -14.79 -16.36 -1.01
CA LEU B 191 -13.52 -15.84 -1.54
C LEU B 191 -12.56 -16.98 -1.87
N ASP B 192 -11.85 -16.82 -2.98
CA ASP B 192 -10.85 -17.81 -3.39
C ASP B 192 -9.70 -17.12 -4.13
N PRO B 193 -8.44 -17.31 -3.70
CA PRO B 193 -7.32 -16.74 -4.45
C PRO B 193 -7.24 -17.23 -5.90
N HIS B 194 -7.70 -18.45 -6.17
CA HIS B 194 -7.60 -19.01 -7.51
C HIS B 194 -8.56 -18.31 -8.47
N ASP B 195 -8.05 -17.94 -9.63
CA ASP B 195 -8.84 -17.27 -10.65
C ASP B 195 -9.99 -18.17 -11.11
N ALA B 196 -11.07 -17.54 -11.55
CA ALA B 196 -12.10 -18.29 -12.23
C ALA B 196 -11.69 -18.56 -13.68
N THR B 197 -12.45 -19.39 -14.37
CA THR B 197 -12.18 -19.68 -15.78
C THR B 197 -13.46 -19.48 -16.60
N ALA B 198 -13.31 -19.64 -17.92
CA ALA B 198 -14.36 -19.31 -18.86
C ALA B 198 -15.61 -20.14 -18.60
N GLN B 199 -16.77 -19.55 -18.86
CA GLN B 199 -18.04 -20.19 -18.57
C GLN B 199 -18.98 -20.05 -19.75
N SER B 200 -20.02 -20.88 -19.77
CA SER B 200 -21.06 -20.80 -20.78
C SER B 200 -22.36 -20.41 -20.07
N TRP B 201 -22.80 -19.17 -20.25
CA TRP B 201 -24.08 -18.72 -19.71
C TRP B 201 -25.12 -18.88 -20.82
N ASN B 202 -25.75 -20.05 -20.85
CA ASN B 202 -26.67 -20.46 -21.92
C ASN B 202 -26.01 -20.27 -23.28
N GLY B 203 -24.76 -20.72 -23.39
CA GLY B 203 -24.04 -20.65 -24.65
C GLY B 203 -23.34 -19.35 -24.91
N GLN B 204 -23.55 -18.33 -24.08
CA GLN B 204 -22.77 -17.10 -24.19
C GLN B 204 -21.46 -17.28 -23.44
N LYS B 205 -20.33 -17.04 -24.13
CA LYS B 205 -19.04 -17.10 -23.47
C LYS B 205 -18.92 -15.94 -22.49
N VAL B 206 -18.66 -16.26 -21.23
CA VAL B 206 -18.41 -15.30 -20.16
C VAL B 206 -17.07 -15.71 -19.55
N ALA B 207 -16.06 -14.86 -19.69
CA ALA B 207 -14.70 -15.24 -19.33
C ALA B 207 -13.99 -14.08 -18.65
N PRO B 208 -13.07 -14.36 -17.73
CA PRO B 208 -12.33 -13.29 -17.05
C PRO B 208 -11.57 -12.42 -18.04
N TRP B 209 -11.52 -11.11 -17.77
CA TRP B 209 -10.71 -10.20 -18.58
C TRP B 209 -9.28 -10.06 -18.08
N GLY B 210 -9.02 -10.45 -16.83
CA GLY B 210 -7.72 -10.37 -16.22
C GLY B 210 -7.77 -11.28 -15.00
N VAL B 211 -6.68 -11.30 -14.25
CA VAL B 211 -6.63 -12.13 -13.04
C VAL B 211 -7.34 -11.40 -11.91
N GLY B 212 -7.67 -12.15 -10.85
CA GLY B 212 -8.27 -11.58 -9.66
C GLY B 212 -9.71 -11.98 -9.41
N THR B 213 -10.34 -12.71 -10.35
CA THR B 213 -11.78 -12.92 -10.29
C THR B 213 -12.20 -13.82 -9.13
N GLY B 214 -11.28 -14.55 -8.51
CA GLY B 214 -11.67 -15.38 -7.38
C GLY B 214 -12.05 -14.61 -6.14
N SER B 215 -11.57 -13.38 -6.01
CA SER B 215 -11.83 -12.57 -4.82
C SER B 215 -12.98 -11.57 -5.04
N LEU B 216 -13.85 -11.83 -6.01
CA LEU B 216 -15.08 -11.07 -6.16
C LEU B 216 -15.77 -10.93 -4.81
N GLY B 217 -16.11 -9.70 -4.43
CA GLY B 217 -16.75 -9.43 -3.15
C GLY B 217 -15.81 -8.94 -2.06
N LEU B 218 -14.51 -8.95 -2.29
CA LEU B 218 -13.60 -8.47 -1.27
C LEU B 218 -13.73 -6.96 -1.14
N PRO B 219 -14.09 -6.42 0.01
CA PRO B 219 -14.32 -4.98 0.11
C PRO B 219 -13.02 -4.18 0.12
N GLY B 220 -13.07 -2.99 -0.47
CA GLY B 220 -11.91 -2.13 -0.50
C GLY B 220 -12.01 -0.81 0.22
N ASP B 221 -13.13 -0.56 0.89
CA ASP B 221 -13.34 0.66 1.66
C ASP B 221 -12.70 0.53 3.04
N SER B 222 -12.83 1.58 3.86
CA SER B 222 -12.12 1.69 5.12
C SER B 222 -12.99 1.42 6.35
N ILE B 223 -14.22 0.97 6.17
CA ILE B 223 -15.07 0.53 7.28
C ILE B 223 -14.31 -0.53 8.08
N PRO B 224 -14.24 -0.43 9.42
CA PRO B 224 -13.41 -1.39 10.19
C PRO B 224 -13.68 -2.85 9.89
N ALA B 225 -14.94 -3.24 9.71
CA ALA B 225 -15.26 -4.63 9.39
C ALA B 225 -14.67 -5.07 8.05
N ASP B 226 -14.57 -4.14 7.10
CA ASP B 226 -14.06 -4.47 5.77
C ASP B 226 -12.54 -4.55 5.77
N ARG B 227 -11.86 -3.61 6.43
CA ARG B 227 -10.42 -3.74 6.58
C ARG B 227 -10.08 -5.02 7.32
N PHE B 228 -10.90 -5.40 8.30
CA PHE B 228 -10.64 -6.65 9.03
C PHE B 228 -10.67 -7.83 8.08
N VAL B 229 -11.73 -7.94 7.29
CA VAL B 229 -11.85 -9.09 6.38
C VAL B 229 -10.70 -9.09 5.40
N LYS B 230 -10.36 -7.93 4.85
CA LYS B 230 -9.31 -7.88 3.84
C LYS B 230 -7.94 -8.20 4.44
N ALA B 231 -7.59 -7.55 5.56
CA ALA B 231 -6.32 -7.81 6.22
C ALA B 231 -6.19 -9.28 6.62
N ALA B 232 -7.27 -9.86 7.13
CA ALA B 232 -7.23 -11.26 7.53
C ALA B 232 -6.96 -12.17 6.33
N TYR B 233 -7.73 -11.96 5.26
CA TYR B 233 -7.53 -12.69 4.01
C TYR B 233 -6.10 -12.56 3.50
N LEU B 234 -5.57 -11.33 3.44
CA LEU B 234 -4.21 -11.13 2.96
C LEU B 234 -3.19 -11.83 3.86
N ASN B 235 -3.31 -11.63 5.17
CA ASN B 235 -2.30 -12.20 6.07
C ASN B 235 -2.25 -13.73 5.98
N VAL B 236 -3.40 -14.41 5.94
CA VAL B 236 -3.36 -15.87 5.99
C VAL B 236 -2.97 -16.47 4.63
N ASN B 237 -3.11 -15.74 3.54
CA ASN B 237 -2.70 -16.28 2.24
C ASN B 237 -1.32 -15.81 1.81
N TYR B 238 -0.71 -14.89 2.52
CA TYR B 238 0.64 -14.43 2.18
C TYR B 238 1.64 -15.51 2.58
N PRO B 239 2.47 -16.02 1.68
CA PRO B 239 3.42 -17.06 2.07
C PRO B 239 4.39 -16.58 3.13
N THR B 240 4.96 -17.53 3.86
CA THR B 240 6.08 -17.23 4.74
C THR B 240 7.30 -16.89 3.89
N VAL B 241 8.03 -15.85 4.30
CA VAL B 241 9.19 -15.40 3.54
C VAL B 241 10.41 -15.33 4.47
N LYS B 242 11.59 -15.25 3.86
CA LYS B 242 12.85 -15.47 4.58
C LYS B 242 13.65 -14.17 4.66
N GLY B 243 14.16 -13.88 5.83
CA GLY B 243 15.06 -12.75 5.98
C GLY B 243 14.36 -11.46 6.34
N GLU B 244 15.15 -10.54 6.88
CA GLU B 244 14.62 -9.30 7.46
C GLU B 244 13.99 -8.40 6.39
N LYS B 245 14.70 -8.21 5.28
CA LYS B 245 14.21 -7.32 4.22
C LYS B 245 12.89 -7.81 3.66
N ALA B 246 12.81 -9.10 3.33
CA ALA B 246 11.59 -9.64 2.71
C ALA B 246 10.40 -9.56 3.67
N ASN B 247 10.63 -9.83 4.97
CA ASN B 247 9.55 -9.85 5.95
C ASN B 247 9.07 -8.44 6.28
N VAL B 248 10.00 -7.48 6.42
CA VAL B 248 9.58 -6.10 6.55
C VAL B 248 8.82 -5.64 5.31
N ALA B 249 9.31 -5.96 4.11
CA ALA B 249 8.55 -5.59 2.92
C ALA B 249 7.16 -6.21 2.94
N LYS B 250 7.07 -7.50 3.26
CA LYS B 250 5.78 -8.16 3.32
C LYS B 250 4.85 -7.44 4.29
N PHE B 251 5.38 -7.07 5.44
CA PHE B 251 4.56 -6.36 6.42
C PHE B 251 3.97 -5.09 5.82
N PHE B 252 4.80 -4.27 5.17
CA PHE B 252 4.32 -3.01 4.61
C PHE B 252 3.42 -3.24 3.40
N ASN B 253 3.67 -4.27 2.60
CA ASN B 253 2.77 -4.59 1.50
C ASN B 253 1.33 -4.78 2.00
N ILE B 254 1.17 -5.55 3.08
CA ILE B 254 -0.17 -5.85 3.58
C ILE B 254 -0.82 -4.60 4.17
N LEU B 255 -0.08 -3.85 5.02
CA LEU B 255 -0.71 -2.74 5.70
C LEU B 255 -0.90 -1.53 4.79
N LYS B 256 -0.06 -1.36 3.77
CA LYS B 256 -0.33 -0.30 2.80
C LYS B 256 -1.50 -0.66 1.89
N SER B 257 -1.80 -1.95 1.76
CA SER B 257 -2.98 -2.35 1.01
C SER B 257 -4.27 -1.94 1.70
N VAL B 258 -4.33 -2.05 3.02
CA VAL B 258 -5.56 -1.71 3.76
C VAL B 258 -5.46 -0.33 4.41
N ALA B 259 -4.50 0.48 3.98
CA ALA B 259 -4.32 1.83 4.49
C ALA B 259 -5.51 2.71 4.13
N MET B 260 -5.74 3.73 4.94
CA MET B 260 -6.81 4.69 4.71
C MET B 260 -6.20 5.88 3.96
N ILE B 261 -6.58 6.06 2.72
CA ILE B 261 -5.89 6.96 1.81
C ILE B 261 -6.45 8.37 1.96
N LYS B 262 -5.55 9.35 2.09
CA LYS B 262 -5.94 10.73 2.34
C LYS B 262 -6.86 11.26 1.23
N GLY B 263 -7.94 11.93 1.64
CA GLY B 263 -8.97 12.39 0.71
C GLY B 263 -10.11 11.41 0.48
N SER B 264 -9.95 10.13 0.80
CA SER B 264 -11.03 9.18 0.56
C SER B 264 -11.98 9.02 1.73
N VAL B 265 -11.66 9.61 2.89
CA VAL B 265 -12.49 9.55 4.07
C VAL B 265 -12.54 10.93 4.72
N VAL B 266 -13.73 11.51 4.79
CA VAL B 266 -13.96 12.78 5.49
C VAL B 266 -14.95 12.53 6.61
N ASN B 267 -14.56 12.83 7.86
CA ASN B 267 -15.43 12.46 8.96
C ASN B 267 -16.56 13.49 9.12
N LYS B 268 -17.49 13.17 10.01
CA LYS B 268 -18.67 14.02 10.14
C LYS B 268 -18.32 15.42 10.66
N LEU B 269 -17.09 15.65 11.12
CA LEU B 269 -16.71 16.98 11.56
C LEU B 269 -16.01 17.77 10.46
N GLY B 270 -15.77 17.17 9.30
CA GLY B 270 -15.16 17.91 8.21
C GLY B 270 -13.69 17.63 8.00
N SER B 271 -13.08 16.75 8.80
CA SER B 271 -11.66 16.46 8.67
C SER B 271 -11.39 15.16 7.91
N ASP B 272 -10.33 15.18 7.09
CA ASP B 272 -9.80 13.96 6.48
C ASP B 272 -9.32 12.99 7.56
N GLU B 273 -9.67 11.71 7.43
CA GLU B 273 -9.06 10.64 8.21
C GLU B 273 -8.20 9.78 7.30
N TYR B 274 -6.95 9.52 7.70
CA TYR B 274 -6.09 8.69 6.87
C TYR B 274 -4.96 8.12 7.71
N THR B 275 -4.26 7.17 7.10
CA THR B 275 -3.10 6.51 7.71
C THR B 275 -1.95 7.51 7.74
N VAL B 276 -1.66 8.05 8.94
CA VAL B 276 -0.56 9.01 9.07
C VAL B 276 0.77 8.32 9.21
N TYR B 277 0.81 7.10 9.76
CA TYR B 277 2.05 6.34 9.78
C TYR B 277 1.73 4.85 9.78
N THR B 278 2.66 4.08 9.23
CA THR B 278 2.67 2.63 9.29
C THR B 278 3.95 2.21 9.99
N ALA B 279 3.85 1.29 10.95
CA ALA B 279 5.02 0.92 11.74
C ALA B 279 5.10 -0.58 11.92
N CYS B 280 6.34 -1.09 11.98
CA CYS B 280 6.63 -2.51 12.12
C CYS B 280 7.81 -2.68 13.06
N TYR B 281 7.64 -3.48 14.12
CA TYR B 281 8.73 -3.88 15.00
C TYR B 281 9.22 -5.26 14.60
N SER B 282 10.53 -5.37 14.36
CA SER B 282 11.18 -6.66 14.13
C SER B 282 11.85 -7.08 15.43
N ALA B 283 11.32 -8.14 16.05
CA ALA B 283 11.89 -8.59 17.31
C ALA B 283 13.33 -9.07 17.12
N ALA B 284 13.63 -9.66 15.96
CA ALA B 284 14.94 -10.25 15.75
C ALA B 284 16.04 -9.20 15.72
N THR B 285 15.77 -8.02 15.15
CA THR B 285 16.75 -6.94 15.13
C THR B 285 16.47 -5.84 16.15
N LYS B 286 15.41 -5.98 16.96
CA LYS B 286 15.01 -4.92 17.89
C LYS B 286 14.88 -3.57 17.18
N THR B 287 14.34 -3.59 15.96
CA THR B 287 14.27 -2.38 15.15
C THR B 287 12.82 -2.00 14.92
N TYR B 288 12.52 -0.72 15.10
CA TYR B 288 11.20 -0.16 14.84
C TYR B 288 11.25 0.60 13.51
N TYR B 289 10.60 0.05 12.48
CA TYR B 289 10.51 0.64 11.15
C TYR B 289 9.21 1.42 11.02
N CYS B 290 9.25 2.58 10.39
CA CYS B 290 7.98 3.25 10.07
C CYS B 290 8.15 4.14 8.85
N ASN B 291 7.03 4.49 8.23
CA ASN B 291 7.01 5.60 7.28
C ASN B 291 5.72 6.39 7.48
N PHE B 292 5.55 7.44 6.68
CA PHE B 292 4.55 8.46 6.93
C PHE B 292 3.78 8.79 5.65
N GLU B 293 2.58 9.37 5.84
CA GLU B 293 1.78 9.73 4.68
C GLU B 293 2.54 10.67 3.74
N ASN B 294 3.34 11.59 4.29
CA ASN B 294 4.06 12.53 3.44
C ASN B 294 5.55 12.23 3.32
N ASP B 295 6.02 11.06 3.76
CA ASP B 295 7.44 10.77 3.72
C ASP B 295 7.59 9.25 3.67
N PHE B 296 7.80 8.70 2.47
CA PHE B 296 7.60 7.27 2.23
C PHE B 296 8.83 6.41 2.53
N GLU B 297 10.03 6.98 2.58
CA GLU B 297 11.23 6.18 2.87
C GLU B 297 11.18 5.63 4.28
N LEU B 298 11.54 4.35 4.43
CA LEU B 298 11.48 3.71 5.75
C LEU B 298 12.50 4.32 6.70
N LYS B 299 12.03 4.76 7.87
CA LYS B 299 12.87 5.19 8.97
C LYS B 299 13.05 4.03 9.94
N THR B 300 14.21 4.01 10.61
CA THR B 300 14.53 2.95 11.58
C THR B 300 15.05 3.53 12.89
N TYR B 301 14.64 2.88 13.99
CA TYR B 301 14.98 3.25 15.35
C TYR B 301 15.20 1.95 16.09
N LYS B 302 16.22 1.91 16.95
CA LYS B 302 16.73 0.63 17.43
C LYS B 302 16.90 0.63 18.95
N LEU B 303 16.52 -0.49 19.56
CA LEU B 303 16.93 -0.84 20.92
C LEU B 303 18.31 -1.49 20.84
N ASP B 304 19.33 -0.84 21.41
CA ASP B 304 20.68 -1.38 21.41
C ASP B 304 21.32 -1.08 22.77
N ASP B 305 22.58 -1.50 22.92
CA ASP B 305 23.27 -1.36 24.20
C ASP B 305 23.36 0.09 24.65
N GLU B 306 23.45 1.03 23.72
CA GLU B 306 23.43 2.45 24.12
C GLU B 306 22.04 2.87 24.56
N THR B 307 21.01 2.62 23.74
CA THR B 307 19.70 3.18 24.06
C THR B 307 18.98 2.41 25.17
N MET B 308 19.21 1.10 25.28
CA MET B 308 18.56 0.31 26.33
C MET B 308 19.03 0.73 27.73
N ASN B 309 20.18 1.38 27.84
CA ASN B 309 20.77 1.71 29.13
C ASN B 309 20.90 3.21 29.37
N ALA B 310 20.24 4.04 28.58
CA ALA B 310 20.35 5.49 28.74
C ALA B 310 19.83 5.91 30.11
N ASP B 311 20.10 7.18 30.44
CA ASP B 311 19.70 7.70 31.74
C ASP B 311 18.38 8.48 31.72
N LYS B 312 17.86 8.84 30.55
CA LYS B 312 16.60 9.56 30.40
C LYS B 312 15.82 8.88 29.27
N LEU B 313 14.60 9.35 29.02
CA LEU B 313 13.92 8.93 27.79
C LEU B 313 14.65 9.49 26.57
N ILE B 314 14.68 8.73 25.49
CA ILE B 314 15.16 9.19 24.19
C ILE B 314 13.94 9.47 23.33
N THR B 315 13.68 10.73 23.00
CA THR B 315 12.50 11.11 22.24
C THR B 315 12.89 11.84 20.95
N TYR B 316 12.33 11.41 19.83
CA TYR B 316 12.56 12.05 18.54
C TYR B 316 11.50 13.09 18.28
N HIS B 317 11.89 14.26 17.74
CA HIS B 317 10.93 15.33 17.48
C HIS B 317 9.73 14.78 16.71
N HIS B 318 8.59 15.41 16.91
CA HIS B 318 7.36 14.97 16.28
C HIS B 318 7.45 15.19 14.78
N HIS B 319 7.12 14.16 14.02
CA HIS B 319 7.02 14.29 12.58
C HIS B 319 5.77 15.08 12.25
N HIS B 320 5.95 16.20 11.57
CA HIS B 320 4.83 17.09 11.27
C HIS B 320 4.00 16.50 10.13
N HIS B 321 2.70 16.35 10.35
CA HIS B 321 1.82 15.84 9.32
C HIS B 321 1.39 16.99 8.41
C13 X3I C . 9.06 -9.06 -24.21
C15 X3I C . 10.02 -8.17 -22.10
C17 X3I C . 7.03 -8.76 -21.97
C20 X3I C . 6.63 -7.48 -19.23
C21 X3I C . 4.34 -6.68 -19.95
C22 X3I C . 3.60 -7.36 -18.78
C24 X3I C . 2.41 -6.46 -18.38
C26 X3I C . 0.54 -6.05 -16.83
C01 X3I C . 6.19 -6.06 -21.31
C02 X3I C . 7.59 -6.27 -21.87
C03 X3I C . 8.09 -5.07 -22.67
C04 X3I C . 9.49 -5.32 -23.23
C05 X3I C . 9.53 -6.60 -24.07
C06 X3I C . 8.75 -6.40 -25.37
C07 X3I C . 8.84 -7.64 -26.25
C09 X3I C . 8.94 -8.09 -28.63
C12 X3I C . 8.30 -8.86 -25.52
C14 X3I C . 9.06 -7.84 -23.27
C16 X3I C . 7.63 -7.56 -22.72
C18 X3I C . 5.65 -8.46 -21.36
C19 X3I C . 5.71 -7.23 -20.43
C23 X3I C . 3.13 -8.77 -19.12
C25 X3I C . 1.46 -7.10 -17.36
C27 X3I C . 0.68 -5.83 -15.37
C29 X3I C . 4.64 -5.17 -19.67
C30 X3I C . 5.92 -4.82 -20.47
O08 X3I C . 8.22 -7.49 -27.56
O28 X3I C . -0.20 -5.35 -17.50
NA NA D . 15.61 0.22 -40.68
C13 X3I E . -4.36 10.44 25.14
C15 X3I E . -2.53 10.33 23.48
C17 X3I E . -5.19 9.33 22.43
C20 X3I E . -4.07 8.31 19.77
C21 X3I E . -5.69 6.36 19.85
C22 X3I E . -6.21 6.64 18.43
C24 X3I E . -6.79 5.33 17.89
C26 X3I E . -7.42 4.20 15.80
C01 X3I E . -4.27 6.67 21.74
C02 X3I E . -3.42 7.51 22.69
C03 X3I E . -2.66 6.67 23.70
C04 X3I E . -1.80 7.55 24.62
C05 X3I E . -2.65 8.59 25.33
C06 X3I E . -3.52 7.94 26.42
C07 X3I E . -4.33 8.97 27.18
C09 X3I E . -5.47 9.28 29.33
C12 X3I E . -5.21 9.76 26.23
C14 X3I E . -3.47 9.47 24.34
C16 X3I E . -4.31 8.55 23.41
C18 X3I E . -5.98 8.43 21.45
C19 X3I E . -5.03 7.50 20.68
C23 X3I E . -7.26 7.75 18.36
C25 X3I E . -7.48 5.50 16.53
C27 X3I E . -6.65 4.30 14.53
C29 X3I E . -4.61 5.22 19.85
C30 X3I E . -3.57 5.60 20.93
O08 X3I E . -5.11 8.39 28.28
O28 X3I E . -7.88 3.16 16.20
NA NA F . 1.47 3.94 43.34
#